data_8A12
#
_entry.id   8A12
#
_cell.length_a   90.125
_cell.length_b   115.140
_cell.length_c   170.223
_cell.angle_alpha   90.000
_cell.angle_beta   90.000
_cell.angle_gamma   90.000
#
_symmetry.space_group_name_H-M   'P 21 21 21'
#
loop_
_entity.id
_entity.type
_entity.pdbx_description
1 polymer Myosin-A
2 polymer 'Myosin A tail domain interacting protein'
3 polymer 'Myosin essential light chain ELC'
4 non-polymer "ADENOSINE-5'-DIPHOSPHATE"
5 non-polymer 'SULFATE ION'
6 non-polymer 1,2-ETHANEDIOL
7 non-polymer 'MAGNESIUM ION'
8 water water
#
loop_
_entity_poly.entity_id
_entity_poly.type
_entity_poly.pdbx_seq_one_letter_code
_entity_poly.pdbx_strand_id
1 'polypeptide(L)'
;MAVTNEEIKTASKIVRRV(SEP)NVEAFDKSGSVFKGYQIWTDISPTIENDPNIMFVKCVVQQGSKKEKLTVVQIDPPGT
GTPYDIDPTHAWNCNSQVDPMSFGDIGLLNHTNIPCVLDFLKHRYLKNQIYTTAVPLIVAINPYKDLGNTTNEWIRRYRD
TADHTKLPPHVFTCAREALSNLHGVNKSQTIIVSGESGAGKTEATKQIMRYFASSKSGNMDLRIQTAIMAANPVLEAFGN
AKTIRNNNSSRFGRFMQLVISHEGGIRYGSVVAFLLEKSRIITQDDNERSYHIFYQFLKGANSTMKSKFGLKGVTEYKLL
NPNSTEVSGVDDVKDFEEVIESLKNMELSESDIEVIFSIVAGILTLGNVRLIEKQEAGLSDAAAIMDEDMGVFNKACELM
YLDPELIKREILIKVTVAGGTKIEGRWNKNDAEVLKSSLCKAMYEKLFLWIIRHLNSRIEPEGGFKTFMGMLDIFGFEVF
KNNSLEQLFINITNEMLQKNFVDIVFERESKLYKDEGISTAELKYTSNKEVINVLCEKGKSVLSYLEDQCLAPGGTDEKF
VSSCATNLKENNKFTPAKVASNKNFIIQHTIGPIQYCAESFLLKNKDVLRGDLVEVIKDSPNPIVQQLFEGQVIEKGKIA
KGSLIGSQFLNQLTSLMNLINSTEPHFIRCIKPNENKKPLEWCEPKILIQLHALSILEALVLRQLGYSYRRTFEEFLYQY
KFVDIAAAEDSSVENQNKCVNILKLSGLSESMYKIGKSMVFLKQEGAKILTKIQREKLVEWENCVSVIEAAILKHKYKQK
VNKNIPSLLRVQAHIRKKMVAQ
;
A
2 'polypeptide(L)'
;MKQECNVCYFNLPDPESTLGPYDNELNYFTWGPGFEYEPEPQRKPLSIEESFENSEESEESVADIQQLEEKVDESDVRIY
FNEKSSGGKISIDNASYNARKLGLAPSSIDEKKIKELYGDNLTYEQYLEYLSICVHDKDNVEELIKMFAHFDNNCTGYLT
KSQMKNILTTWGDALTDQEAIDALNAFSSEDNIDYKLFCEDILQ
;
B
3 'polypeptide(L)'
;MASDMEEKFREAFILFSSCSDHIEMYKFFELMNSFGIILTNDEKAALPNDINMDYWLNFAKKHYNYEQPFKHINNVNEQN
TNVQIKIDNFLGIMKALDTRLTESDLNILLQITNPENKSTLNLKTVSQKLTESI
;
E
#
loop_
_chem_comp.id
_chem_comp.type
_chem_comp.name
_chem_comp.formula
ADP non-polymer ADENOSINE-5'-DIPHOSPHATE 'C10 H15 N5 O10 P2'
EDO non-polymer 1,2-ETHANEDIOL 'C2 H6 O2'
MG non-polymer 'MAGNESIUM ION' 'Mg 2'
SO4 non-polymer 'SULFATE ION' 'O4 S -2'
#
# COMPACT_ATOMS: atom_id res chain seq x y z
N ALA A 2 10.32 13.25 7.87
CA ALA A 2 9.82 14.61 8.10
C ALA A 2 9.45 15.29 6.77
N VAL A 3 8.38 16.07 6.76
CA VAL A 3 7.85 16.60 5.51
C VAL A 3 8.63 17.87 5.15
N THR A 4 9.44 17.78 4.09
CA THR A 4 10.23 18.90 3.60
C THR A 4 9.32 19.97 2.99
N ASN A 5 9.82 21.20 2.98
CA ASN A 5 9.11 22.26 2.28
C ASN A 5 9.22 22.12 0.77
N GLU A 6 10.25 21.38 0.30
CA GLU A 6 10.26 20.96 -1.10
C GLU A 6 9.18 19.90 -1.38
N GLU A 7 8.82 19.08 -0.40
CA GLU A 7 7.75 18.11 -0.60
C GLU A 7 6.36 18.75 -0.59
N ILE A 8 6.16 19.80 0.21
CA ILE A 8 4.90 20.55 0.17
C ILE A 8 4.77 21.29 -1.16
N LYS A 9 5.88 21.83 -1.66
CA LYS A 9 5.86 22.56 -2.92
C LYS A 9 5.47 21.65 -4.07
N THR A 10 6.10 20.47 -4.18
CA THR A 10 5.78 19.62 -5.32
C THR A 10 4.41 18.97 -5.15
N ALA A 11 4.02 18.62 -3.91
CA ALA A 11 2.68 18.06 -3.72
C ALA A 11 1.60 19.05 -4.15
N SER A 12 1.78 20.35 -3.82
CA SER A 12 0.78 21.35 -4.19
C SER A 12 0.71 21.61 -5.70
N LYS A 13 1.76 21.26 -6.47
CA LYS A 13 1.65 21.36 -7.94
C LYS A 13 0.80 20.24 -8.55
N ILE A 14 0.84 19.04 -7.95
CA ILE A 14 0.02 17.94 -8.42
C ILE A 14 -1.45 18.22 -8.16
N VAL A 15 -1.74 18.96 -7.08
CA VAL A 15 -3.13 19.26 -6.70
C VAL A 15 -3.82 20.05 -7.82
N ARG A 16 -5.00 19.57 -8.22
CA ARG A 16 -5.83 20.21 -9.23
C ARG A 16 -7.28 20.14 -8.75
N ARG A 17 -8.10 21.06 -9.26
CA ARG A 17 -9.54 21.06 -9.01
C ARG A 17 -10.21 20.95 -10.37
N VAL A 18 -11.03 19.91 -10.54
CA VAL A 18 -11.73 19.70 -11.81
C VAL A 18 -13.25 19.99 -11.77
N SEP A 19 -14.01 19.03 -11.26
CA SEP A 19 -15.46 19.16 -11.21
CB SEP A 19 -16.08 17.82 -10.82
OG SEP A 19 -15.79 17.53 -9.47
C SEP A 19 -15.91 20.24 -10.23
O SEP A 19 -15.27 20.53 -9.21
P SEP A 19 -15.08 16.11 -9.19
O1P SEP A 19 -13.79 16.00 -10.13
O2P SEP A 19 -16.15 14.93 -9.44
O3P SEP A 19 -14.70 16.19 -7.65
N ASN A 20 -17.05 20.84 -10.53
CA ASN A 20 -17.63 21.87 -9.69
C ASN A 20 -18.45 21.27 -8.55
N VAL A 21 -18.55 22.04 -7.50
CA VAL A 21 -19.27 21.62 -6.30
C VAL A 21 -20.71 22.08 -6.44
N GLU A 22 -21.63 21.18 -6.16
CA GLU A 22 -23.05 21.44 -6.30
C GLU A 22 -23.64 21.60 -4.91
N ALA A 23 -23.34 22.73 -4.27
CA ALA A 23 -23.74 22.90 -2.88
C ALA A 23 -25.11 23.53 -2.77
N PHE A 24 -25.67 24.05 -3.88
CA PHE A 24 -26.92 24.80 -3.85
C PHE A 24 -28.00 24.12 -4.67
N ASP A 25 -29.23 24.23 -4.17
CA ASP A 25 -30.43 23.78 -4.87
C ASP A 25 -30.87 24.84 -5.88
N LYS A 26 -31.88 24.49 -6.70
CA LYS A 26 -32.38 25.42 -7.72
C LYS A 26 -32.80 26.73 -7.07
N SER A 27 -33.34 26.63 -5.86
CA SER A 27 -33.70 27.83 -5.13
C SER A 27 -32.51 28.73 -4.84
N GLY A 28 -31.28 28.25 -4.98
CA GLY A 28 -30.10 28.99 -4.56
C GLY A 28 -29.74 28.84 -3.09
N SER A 29 -30.39 27.94 -2.37
CA SER A 29 -30.14 27.66 -0.96
C SER A 29 -29.21 26.46 -0.83
N VAL A 30 -28.42 26.44 0.24
CA VAL A 30 -27.40 25.43 0.42
C VAL A 30 -28.09 24.15 0.81
N PHE A 31 -27.62 23.03 0.26
CA PHE A 31 -28.18 21.75 0.69
C PHE A 31 -27.85 21.52 2.16
N LYS A 32 -28.85 21.27 2.97
CA LYS A 32 -28.61 21.14 4.40
C LYS A 32 -27.55 20.09 4.69
N GLY A 33 -26.44 20.52 5.29
CA GLY A 33 -25.38 19.59 5.69
C GLY A 33 -24.34 19.28 4.64
N TYR A 34 -24.38 19.97 3.51
CA TYR A 34 -23.54 19.60 2.39
C TYR A 34 -22.08 19.61 2.81
N GLN A 35 -21.35 18.58 2.43
CA GLN A 35 -19.95 18.41 2.79
C GLN A 35 -19.05 18.57 1.59
N ILE A 36 -17.87 19.17 1.83
CA ILE A 36 -16.83 19.34 0.82
C ILE A 36 -15.48 19.04 1.46
N TRP A 37 -14.45 18.88 0.62
CA TRP A 37 -13.06 18.85 1.07
C TRP A 37 -12.47 20.23 0.80
N THR A 38 -11.52 20.68 1.64
CA THR A 38 -10.79 21.88 1.28
C THR A 38 -9.37 21.76 1.78
N ASP A 39 -8.48 22.54 1.17
CA ASP A 39 -7.08 22.60 1.58
C ASP A 39 -6.76 23.87 2.40
N ILE A 40 -7.79 24.55 2.90
CA ILE A 40 -7.62 25.75 3.71
C ILE A 40 -8.10 25.43 5.12
N SER A 41 -7.17 25.40 6.07
CA SER A 41 -7.49 25.00 7.43
C SER A 41 -6.27 25.19 8.32
N PRO A 42 -6.45 25.74 9.51
CA PRO A 42 -5.32 25.76 10.44
C PRO A 42 -4.80 24.37 10.72
N THR A 43 -5.66 23.35 10.66
CA THR A 43 -5.17 21.99 10.80
C THR A 43 -4.07 21.71 9.79
N ILE A 44 -4.18 22.30 8.61
CA ILE A 44 -3.26 21.98 7.54
C ILE A 44 -2.00 22.81 7.69
N GLU A 45 -2.10 24.03 8.21
CA GLU A 45 -0.88 24.82 8.42
C GLU A 45 -0.05 24.22 9.54
N ASN A 46 -0.67 23.52 10.45
CA ASN A 46 0.00 23.06 11.65
C ASN A 46 0.43 21.61 11.58
N ASP A 47 -0.16 20.81 10.71
CA ASP A 47 0.17 19.38 10.64
C ASP A 47 0.58 18.99 9.24
N PRO A 48 1.87 18.86 8.94
CA PRO A 48 2.27 18.55 7.55
C PRO A 48 1.84 17.14 7.04
N ASN A 49 1.32 16.28 7.89
CA ASN A 49 0.76 15.05 7.38
C ASN A 49 -0.58 15.25 6.70
N ILE A 50 -1.23 16.42 6.85
CA ILE A 50 -2.60 16.60 6.40
C ILE A 50 -2.62 17.66 5.32
N MET A 51 -3.26 17.37 4.21
CA MET A 51 -3.41 18.28 3.08
C MET A 51 -4.83 18.78 2.87
N PHE A 52 -5.84 18.01 3.28
CA PHE A 52 -7.23 18.41 3.11
C PHE A 52 -8.00 18.14 4.39
N VAL A 53 -9.05 18.94 4.61
CA VAL A 53 -9.96 18.63 5.68
C VAL A 53 -11.37 18.64 5.11
N LYS A 54 -12.29 18.06 5.88
CA LYS A 54 -13.69 17.99 5.51
C LYS A 54 -14.46 19.08 6.22
N CYS A 55 -15.38 19.73 5.51
CA CYS A 55 -16.13 20.86 6.02
C CYS A 55 -17.59 20.74 5.60
N VAL A 56 -18.46 21.45 6.31
CA VAL A 56 -19.85 21.58 5.93
C VAL A 56 -20.06 22.98 5.39
N VAL A 57 -20.66 23.09 4.21
CA VAL A 57 -21.03 24.43 3.74
C VAL A 57 -22.23 24.96 4.54
N GLN A 58 -22.16 26.21 4.93
CA GLN A 58 -23.15 26.80 5.84
C GLN A 58 -24.28 27.50 5.11
N GLN A 59 -25.49 27.37 5.66
CA GLN A 59 -26.62 28.12 5.15
C GLN A 59 -26.22 29.57 4.99
N GLY A 60 -26.49 30.12 3.82
CA GLY A 60 -26.15 31.51 3.59
C GLY A 60 -24.95 31.73 2.70
N SER A 61 -24.15 30.69 2.45
CA SER A 61 -23.03 30.91 1.56
C SER A 61 -23.55 31.43 0.21
N LYS A 62 -22.60 31.84 -0.62
CA LYS A 62 -22.83 32.40 -1.94
C LYS A 62 -22.00 31.60 -2.93
N LYS A 63 -22.45 31.62 -4.17
CA LYS A 63 -21.87 30.71 -5.14
C LYS A 63 -20.39 31.00 -5.36
N GLU A 64 -19.99 32.25 -5.17
CA GLU A 64 -18.65 32.75 -5.47
C GLU A 64 -17.71 32.74 -4.28
N LYS A 65 -18.24 32.57 -3.05
CA LYS A 65 -17.40 32.51 -1.85
C LYS A 65 -18.18 31.72 -0.83
N LEU A 66 -17.74 30.49 -0.59
CA LEU A 66 -18.43 29.60 0.32
C LEU A 66 -18.00 29.87 1.76
N THR A 67 -18.96 29.80 2.67
CA THR A 67 -18.71 29.84 4.08
C THR A 67 -18.83 28.44 4.61
N VAL A 68 -17.79 27.96 5.29
CA VAL A 68 -17.71 26.55 5.66
C VAL A 68 -17.23 26.43 7.10
N VAL A 69 -17.52 25.30 7.72
CA VAL A 69 -17.08 24.97 9.07
C VAL A 69 -16.44 23.56 9.01
N GLN A 70 -15.22 23.42 9.50
CA GLN A 70 -14.53 22.15 9.43
C GLN A 70 -15.16 21.15 10.41
N ILE A 71 -15.34 19.90 9.97
CA ILE A 71 -15.85 18.87 10.87
C ILE A 71 -14.88 17.70 11.03
N ASP A 72 -13.96 17.47 10.12
CA ASP A 72 -13.10 16.30 10.24
C ASP A 72 -11.76 16.70 9.65
N PRO A 73 -10.65 16.73 10.43
CA PRO A 73 -10.55 16.42 11.86
C PRO A 73 -11.30 17.42 12.69
N PRO A 74 -11.48 17.11 13.96
CA PRO A 74 -12.27 18.00 14.82
C PRO A 74 -11.72 19.41 14.86
N GLY A 75 -12.63 20.38 14.88
CA GLY A 75 -12.25 21.78 14.87
C GLY A 75 -12.89 22.62 15.96
N THR A 76 -13.15 23.87 15.61
CA THR A 76 -13.60 24.88 16.56
C THR A 76 -15.04 25.26 16.36
N GLY A 77 -15.64 24.91 15.23
CA GLY A 77 -16.95 25.43 14.88
C GLY A 77 -16.93 26.78 14.23
N THR A 78 -15.76 27.36 14.04
CA THR A 78 -15.66 28.68 13.47
C THR A 78 -16.00 28.73 11.96
N PRO A 79 -16.94 29.57 11.54
CA PRO A 79 -17.13 29.80 10.10
C PRO A 79 -15.93 30.46 9.48
N TYR A 80 -15.61 30.09 8.24
CA TYR A 80 -14.66 30.88 7.46
C TYR A 80 -14.96 30.67 6.00
N ASP A 81 -14.30 31.45 5.16
CA ASP A 81 -14.70 31.62 3.76
C ASP A 81 -13.61 31.08 2.86
N ILE A 82 -14.01 30.33 1.85
CA ILE A 82 -13.06 29.80 0.87
C ILE A 82 -13.62 30.10 -0.53
N ASP A 83 -12.73 30.45 -1.44
CA ASP A 83 -13.09 30.52 -2.84
C ASP A 83 -13.47 29.12 -3.35
N PRO A 84 -14.50 29.02 -4.21
CA PRO A 84 -14.93 27.70 -4.72
C PRO A 84 -13.85 26.87 -5.35
N THR A 85 -12.84 27.50 -5.93
CA THR A 85 -11.72 26.74 -6.47
C THR A 85 -10.87 26.07 -5.41
N HIS A 86 -11.19 26.23 -4.12
CA HIS A 86 -10.52 25.54 -3.04
C HIS A 86 -11.45 24.57 -2.35
N ALA A 87 -12.58 24.26 -2.98
CA ALA A 87 -13.51 23.26 -2.50
C ALA A 87 -13.59 22.11 -3.51
N TRP A 88 -13.74 20.91 -2.99
CA TRP A 88 -13.72 19.71 -3.83
C TRP A 88 -14.91 18.88 -3.40
N ASN A 89 -15.57 18.23 -4.35
CA ASN A 89 -16.65 17.33 -3.96
C ASN A 89 -16.14 16.23 -3.05
N CYS A 90 -17.06 15.68 -2.26
CA CYS A 90 -16.82 14.70 -1.23
C CYS A 90 -17.75 13.52 -1.46
N ASN A 91 -17.22 12.30 -1.32
CA ASN A 91 -18.03 11.08 -1.36
C ASN A 91 -18.42 10.82 0.09
N SER A 92 -19.53 11.45 0.52
CA SER A 92 -19.84 11.58 1.95
C SER A 92 -20.36 10.30 2.58
N GLN A 93 -21.11 9.47 1.83
CA GLN A 93 -21.76 8.31 2.45
C GLN A 93 -21.29 6.95 1.92
N VAL A 94 -20.18 6.86 1.29
CA VAL A 94 -19.78 5.58 0.69
C VAL A 94 -18.88 4.84 1.66
N ASP A 95 -19.05 3.53 1.75
CA ASP A 95 -18.17 2.71 2.58
C ASP A 95 -16.91 2.38 1.77
N PRO A 96 -15.74 2.90 2.08
CA PRO A 96 -14.58 2.59 1.23
C PRO A 96 -14.22 1.13 1.17
N MET A 97 -14.65 0.31 2.12
CA MET A 97 -14.35 -1.11 2.02
C MET A 97 -15.27 -1.87 1.09
N SER A 98 -16.28 -1.23 0.51
CA SER A 98 -17.33 -2.01 -0.11
C SER A 98 -17.00 -2.34 -1.55
N PHE A 99 -15.90 -1.81 -2.08
CA PHE A 99 -15.51 -2.18 -3.41
C PHE A 99 -14.03 -1.87 -3.62
N GLY A 100 -13.47 -2.48 -4.66
CA GLY A 100 -12.04 -2.59 -4.77
C GLY A 100 -11.34 -1.61 -5.68
N ASP A 101 -12.05 -0.99 -6.64
CA ASP A 101 -11.44 -0.05 -7.57
C ASP A 101 -11.82 1.38 -7.24
N ILE A 102 -10.83 2.28 -7.34
CA ILE A 102 -11.05 3.67 -7.04
C ILE A 102 -12.07 4.28 -7.99
N GLY A 103 -12.20 3.75 -9.16
CA GLY A 103 -13.01 4.45 -10.15
C GLY A 103 -14.50 4.26 -10.00
N LEU A 104 -14.90 3.44 -9.06
CA LEU A 104 -16.29 3.25 -8.71
C LEU A 104 -16.81 4.32 -7.78
N LEU A 105 -15.94 5.20 -7.27
CA LEU A 105 -16.38 6.33 -6.47
C LEU A 105 -17.09 7.34 -7.37
N ASN A 106 -18.10 8.00 -6.82
N ASN A 106 -18.09 8.01 -6.83
CA ASN A 106 -18.77 9.03 -7.60
CA ASN A 106 -18.77 9.02 -7.62
C ASN A 106 -17.79 10.13 -8.01
C ASN A 106 -17.83 10.17 -7.99
N HIS A 107 -16.98 10.59 -7.07
CA HIS A 107 -15.98 11.61 -7.34
C HIS A 107 -14.60 11.04 -7.09
N THR A 108 -13.70 11.16 -8.05
CA THR A 108 -12.35 10.65 -7.94
C THR A 108 -11.31 11.77 -7.92
N ASN A 109 -11.68 12.93 -7.38
CA ASN A 109 -10.71 14.01 -7.25
C ASN A 109 -9.66 13.58 -6.21
N ILE A 110 -8.59 14.38 -6.11
CA ILE A 110 -7.48 13.97 -5.24
C ILE A 110 -7.84 13.79 -3.80
N PRO A 111 -8.48 14.72 -3.09
CA PRO A 111 -8.82 14.45 -1.68
C PRO A 111 -9.73 13.26 -1.50
N CYS A 112 -10.62 12.97 -2.46
CA CYS A 112 -11.46 11.78 -2.39
C CYS A 112 -10.64 10.49 -2.55
N VAL A 113 -9.72 10.46 -3.51
CA VAL A 113 -8.81 9.31 -3.68
C VAL A 113 -7.99 9.07 -2.41
N LEU A 114 -7.39 10.14 -1.88
CA LEU A 114 -6.58 9.96 -0.68
C LEU A 114 -7.42 9.41 0.46
N ASP A 115 -8.62 9.95 0.64
CA ASP A 115 -9.42 9.51 1.77
C ASP A 115 -9.89 8.08 1.63
N PHE A 116 -10.17 7.63 0.39
CA PHE A 116 -10.58 6.26 0.13
C PHE A 116 -9.49 5.24 0.44
N LEU A 117 -8.28 5.50 -0.07
CA LEU A 117 -7.14 4.65 0.22
C LEU A 117 -6.85 4.63 1.71
N LYS A 118 -6.96 5.79 2.34
CA LYS A 118 -6.60 5.94 3.76
C LYS A 118 -7.51 5.11 4.63
N HIS A 119 -8.82 5.21 4.42
CA HIS A 119 -9.71 4.45 5.27
C HIS A 119 -9.62 2.96 5.00
N ARG A 120 -9.35 2.55 3.77
CA ARG A 120 -9.08 1.14 3.52
C ARG A 120 -7.84 0.72 4.28
N TYR A 121 -6.80 1.54 4.20
CA TYR A 121 -5.51 1.20 4.81
C TYR A 121 -5.63 1.13 6.32
N LEU A 122 -6.38 2.06 6.92
CA LEU A 122 -6.52 2.03 8.36
C LEU A 122 -7.30 0.81 8.80
N LYS A 123 -8.03 0.18 7.89
CA LYS A 123 -8.64 -1.11 8.19
C LYS A 123 -7.83 -2.30 7.68
N ASN A 124 -6.55 -2.07 7.40
CA ASN A 124 -5.64 -3.11 6.94
C ASN A 124 -5.99 -3.67 5.58
N GLN A 125 -6.73 -2.96 4.77
CA GLN A 125 -6.99 -3.38 3.39
C GLN A 125 -6.03 -2.53 2.57
N ILE A 126 -4.84 -3.07 2.27
CA ILE A 126 -3.77 -2.25 1.71
C ILE A 126 -3.70 -2.27 0.20
N TYR A 127 -4.59 -3.00 -0.48
CA TYR A 127 -4.56 -3.26 -1.91
C TYR A 127 -5.86 -2.73 -2.51
N THR A 128 -5.79 -2.01 -3.62
CA THR A 128 -6.88 -1.27 -4.22
C THR A 128 -6.53 -1.21 -5.70
N THR A 129 -7.50 -1.27 -6.59
CA THR A 129 -7.15 -1.20 -7.99
C THR A 129 -7.52 0.15 -8.55
N ALA A 130 -6.87 0.48 -9.67
CA ALA A 130 -7.13 1.61 -10.54
C ALA A 130 -6.80 0.98 -11.91
N VAL A 131 -7.74 0.18 -12.41
CA VAL A 131 -7.48 -0.74 -13.52
C VAL A 131 -6.65 0.00 -14.55
N PRO A 132 -5.60 -0.61 -15.12
CA PRO A 132 -5.06 -1.93 -14.85
C PRO A 132 -4.06 -2.02 -13.69
N LEU A 133 -4.05 -1.02 -12.81
CA LEU A 133 -3.01 -0.91 -11.81
C LEU A 133 -3.51 -1.58 -10.55
N ILE A 134 -2.59 -2.14 -9.79
CA ILE A 134 -2.89 -2.57 -8.42
C ILE A 134 -2.04 -1.72 -7.51
N VAL A 135 -2.69 -1.01 -6.59
CA VAL A 135 -2.00 -0.16 -5.61
C VAL A 135 -1.79 -0.96 -4.32
N ALA A 136 -0.56 -0.97 -3.79
CA ALA A 136 -0.22 -1.70 -2.58
C ALA A 136 0.49 -0.78 -1.60
N ILE A 137 -0.11 -0.54 -0.43
CA ILE A 137 0.44 0.40 0.54
C ILE A 137 1.13 -0.37 1.63
N ASN A 138 2.38 -0.02 1.91
CA ASN A 138 3.17 -0.74 2.90
C ASN A 138 2.58 -0.56 4.28
N PRO A 139 2.19 -1.64 4.98
CA PRO A 139 1.58 -1.49 6.32
C PRO A 139 2.59 -1.46 7.43
N TYR A 140 3.84 -1.74 7.12
CA TYR A 140 4.96 -1.72 8.08
C TYR A 140 4.63 -2.56 9.30
N LYS A 141 3.86 -3.62 9.09
CA LYS A 141 3.63 -4.66 10.09
C LYS A 141 3.10 -5.87 9.37
N ASP A 142 3.30 -7.03 9.98
CA ASP A 142 2.73 -8.26 9.41
C ASP A 142 1.22 -8.27 9.58
N LEU A 143 0.49 -8.12 8.49
CA LEU A 143 -0.95 -8.15 8.57
C LEU A 143 -1.51 -9.52 8.61
N GLY A 144 -0.71 -10.53 8.34
CA GLY A 144 -1.26 -11.86 8.32
C GLY A 144 -2.02 -12.21 7.07
N ASN A 145 -1.89 -11.41 6.00
CA ASN A 145 -2.74 -11.60 4.83
C ASN A 145 -2.02 -12.29 3.68
N THR A 146 -0.86 -12.90 3.94
CA THR A 146 -0.10 -13.58 2.90
C THR A 146 0.40 -14.93 3.38
N THR A 147 -0.28 -15.52 4.35
CA THR A 147 0.06 -16.85 4.84
C THR A 147 -0.34 -17.92 3.82
N ASN A 148 0.14 -19.15 4.02
CA ASN A 148 -0.37 -20.27 3.21
C ASN A 148 -1.91 -20.34 3.21
N GLU A 149 -2.56 -19.96 4.29
CA GLU A 149 -4.01 -20.06 4.30
C GLU A 149 -4.63 -19.06 3.33
N TRP A 150 -4.06 -17.86 3.23
CA TRP A 150 -4.55 -16.89 2.25
C TRP A 150 -4.18 -17.27 0.81
N ILE A 151 -2.99 -17.84 0.58
CA ILE A 151 -2.67 -18.40 -0.73
C ILE A 151 -3.72 -19.40 -1.16
N ARG A 152 -3.99 -20.37 -0.29
CA ARG A 152 -4.95 -21.40 -0.64
C ARG A 152 -6.30 -20.79 -0.87
N ARG A 153 -6.64 -19.74 -0.10
CA ARG A 153 -7.92 -19.05 -0.32
C ARG A 153 -7.96 -18.41 -1.71
N TYR A 154 -6.97 -17.59 -2.05
CA TYR A 154 -7.03 -16.96 -3.36
C TYR A 154 -6.86 -17.95 -4.48
N ARG A 155 -6.19 -19.08 -4.23
CA ARG A 155 -5.98 -20.04 -5.30
C ARG A 155 -7.24 -20.89 -5.53
N ASP A 156 -7.85 -21.40 -4.44
CA ASP A 156 -8.89 -22.43 -4.57
C ASP A 156 -10.30 -21.88 -4.50
N THR A 157 -10.50 -20.62 -4.16
CA THR A 157 -11.84 -20.07 -4.19
C THR A 157 -12.38 -20.16 -5.61
N ALA A 158 -13.65 -20.57 -5.73
CA ALA A 158 -14.28 -20.69 -7.03
C ALA A 158 -14.25 -19.37 -7.80
N ASP A 159 -14.66 -18.27 -7.15
CA ASP A 159 -14.74 -16.96 -7.80
C ASP A 159 -13.94 -15.90 -7.04
N HIS A 160 -12.70 -15.65 -7.50
CA HIS A 160 -11.79 -14.80 -6.73
C HIS A 160 -12.16 -13.31 -6.79
N THR A 161 -12.97 -12.93 -7.78
CA THR A 161 -13.43 -11.54 -7.87
C THR A 161 -14.30 -11.17 -6.68
N LYS A 162 -14.82 -12.16 -5.95
CA LYS A 162 -15.54 -11.94 -4.71
C LYS A 162 -14.62 -11.75 -3.51
N LEU A 163 -13.30 -11.94 -3.68
CA LEU A 163 -12.35 -11.54 -2.66
C LEU A 163 -11.86 -10.12 -2.91
N PRO A 164 -11.34 -9.46 -1.88
CA PRO A 164 -10.81 -8.09 -2.08
C PRO A 164 -9.56 -8.14 -2.94
N PRO A 165 -9.21 -7.04 -3.60
CA PRO A 165 -7.94 -6.98 -4.33
C PRO A 165 -6.77 -7.43 -3.46
N HIS A 166 -5.74 -8.00 -4.10
CA HIS A 166 -4.59 -8.59 -3.39
C HIS A 166 -3.50 -8.86 -4.44
N VAL A 167 -2.24 -8.95 -4.01
CA VAL A 167 -1.21 -9.36 -4.96
C VAL A 167 -1.49 -10.77 -5.47
N PHE A 168 -2.14 -11.60 -4.67
CA PHE A 168 -2.48 -12.95 -5.14
C PHE A 168 -3.53 -12.90 -6.24
N THR A 169 -4.44 -11.95 -6.23
CA THR A 169 -5.36 -11.81 -7.34
C THR A 169 -4.60 -11.64 -8.65
N CYS A 170 -3.52 -10.86 -8.62
CA CYS A 170 -2.65 -10.65 -9.77
C CYS A 170 -1.90 -11.93 -10.13
N ALA A 171 -1.34 -12.61 -9.14
CA ALA A 171 -0.68 -13.86 -9.46
C ALA A 171 -1.65 -14.85 -10.09
N ARG A 172 -2.86 -14.96 -9.54
CA ARG A 172 -3.78 -15.94 -10.09
C ARG A 172 -4.24 -15.59 -11.50
N GLU A 173 -4.62 -14.32 -11.71
CA GLU A 173 -5.12 -13.90 -13.03
C GLU A 173 -4.01 -14.00 -14.08
N ALA A 174 -2.77 -13.73 -13.71
CA ALA A 174 -1.69 -13.88 -14.66
C ALA A 174 -1.45 -15.35 -15.02
N LEU A 175 -1.38 -16.23 -14.01
CA LEU A 175 -1.18 -17.64 -14.32
C LEU A 175 -2.37 -18.21 -15.11
N SER A 176 -3.57 -17.78 -14.81
CA SER A 176 -4.76 -18.23 -15.53
C SER A 176 -4.76 -17.80 -16.99
N ASN A 177 -4.43 -16.54 -17.26
N ASN A 177 -4.41 -16.53 -17.24
CA ASN A 177 -4.32 -16.14 -18.67
CA ASN A 177 -4.31 -16.08 -18.63
C ASN A 177 -3.20 -16.93 -19.35
C ASN A 177 -3.15 -16.75 -19.37
N LEU A 178 -2.07 -17.10 -18.67
CA LEU A 178 -0.95 -17.78 -19.34
C LEU A 178 -1.38 -19.16 -19.84
N HIS A 179 -2.02 -19.94 -18.98
CA HIS A 179 -2.45 -21.28 -19.31
C HIS A 179 -3.75 -21.27 -20.08
N GLY A 180 -4.48 -20.16 -20.08
CA GLY A 180 -5.78 -20.02 -20.70
C GLY A 180 -5.63 -19.76 -22.19
N VAL A 181 -4.67 -18.90 -22.59
CA VAL A 181 -4.53 -18.59 -24.00
C VAL A 181 -3.08 -18.71 -24.46
N ASN A 182 -2.23 -19.36 -23.65
CA ASN A 182 -0.87 -19.72 -24.02
C ASN A 182 -0.07 -18.45 -24.28
N LYS A 183 -0.25 -17.46 -23.45
CA LYS A 183 0.42 -16.17 -23.58
C LYS A 183 1.32 -15.90 -22.37
N SER A 184 2.57 -15.54 -22.64
CA SER A 184 3.47 -15.15 -21.56
C SER A 184 2.98 -13.88 -20.87
N GLN A 185 3.35 -13.73 -19.61
CA GLN A 185 2.90 -12.65 -18.78
C GLN A 185 4.11 -12.06 -18.10
N THR A 186 3.99 -10.79 -17.70
CA THR A 186 5.00 -10.16 -16.87
C THR A 186 4.32 -9.33 -15.81
N ILE A 187 4.74 -9.56 -14.56
CA ILE A 187 4.32 -8.77 -13.41
C ILE A 187 5.41 -7.79 -13.06
N ILE A 188 5.08 -6.52 -13.09
CA ILE A 188 6.03 -5.41 -13.01
C ILE A 188 5.72 -4.67 -11.71
N VAL A 189 6.63 -4.69 -10.76
CA VAL A 189 6.39 -4.15 -9.43
C VAL A 189 7.30 -2.96 -9.28
N SER A 190 6.75 -1.76 -9.06
CA SER A 190 7.55 -0.56 -9.03
C SER A 190 7.09 0.31 -7.87
N GLY A 191 7.90 1.29 -7.56
CA GLY A 191 7.64 2.15 -6.42
C GLY A 191 8.96 2.65 -5.86
N GLU A 192 8.86 3.58 -4.93
CA GLU A 192 10.07 4.16 -4.38
C GLU A 192 10.60 3.25 -3.28
N SER A 193 11.81 3.60 -2.81
CA SER A 193 12.51 2.84 -1.79
C SER A 193 11.66 2.63 -0.55
N GLY A 194 11.61 1.38 -0.07
CA GLY A 194 10.84 1.11 1.12
C GLY A 194 9.35 1.02 0.89
N ALA A 195 8.87 1.08 -0.37
CA ALA A 195 7.43 0.95 -0.61
C ALA A 195 6.88 -0.47 -0.56
N GLY A 196 7.74 -1.49 -0.70
CA GLY A 196 7.28 -2.86 -0.53
C GLY A 196 7.37 -3.74 -1.76
N LYS A 197 8.17 -3.37 -2.74
CA LYS A 197 8.23 -4.11 -3.98
C LYS A 197 8.82 -5.50 -3.78
N THR A 198 9.87 -5.61 -2.99
CA THR A 198 10.54 -6.89 -2.85
C THR A 198 9.71 -7.84 -2.01
N GLU A 199 9.03 -7.31 -1.00
CA GLU A 199 8.11 -8.14 -0.23
C GLU A 199 6.97 -8.63 -1.10
N ALA A 200 6.40 -7.74 -1.90
CA ALA A 200 5.33 -8.18 -2.79
C ALA A 200 5.80 -9.29 -3.73
N THR A 201 6.94 -9.09 -4.36
CA THR A 201 7.58 -10.08 -5.22
C THR A 201 7.70 -11.43 -4.51
N LYS A 202 8.27 -11.44 -3.32
CA LYS A 202 8.38 -12.73 -2.63
C LYS A 202 7.02 -13.31 -2.29
N GLN A 203 6.01 -12.50 -1.97
CA GLN A 203 4.68 -13.04 -1.69
C GLN A 203 4.11 -13.74 -2.92
N ILE A 204 4.24 -13.10 -4.09
CA ILE A 204 3.77 -13.69 -5.33
C ILE A 204 4.55 -14.94 -5.67
N MET A 205 5.86 -14.92 -5.44
CA MET A 205 6.63 -16.13 -5.71
C MET A 205 6.12 -17.30 -4.87
N ARG A 206 5.79 -17.03 -3.61
CA ARG A 206 5.38 -18.11 -2.72
C ARG A 206 4.03 -18.67 -3.16
N TYR A 207 3.15 -17.80 -3.61
CA TYR A 207 1.89 -18.24 -4.20
C TYR A 207 2.12 -19.20 -5.36
N PHE A 208 3.06 -18.85 -6.26
CA PHE A 208 3.36 -19.64 -7.45
C PHE A 208 4.03 -20.95 -7.10
N ALA A 209 4.80 -20.95 -6.03
CA ALA A 209 5.38 -22.17 -5.49
C ALA A 209 4.37 -23.07 -4.75
N SER A 210 3.14 -22.68 -4.54
CA SER A 210 2.22 -23.51 -3.75
C SER A 210 1.43 -24.37 -4.70
N SER A 211 1.73 -25.66 -4.73
CA SER A 211 1.05 -26.52 -5.68
C SER A 211 -0.12 -27.18 -4.97
N LYS A 212 -1.19 -27.40 -5.70
CA LYS A 212 -2.33 -28.07 -5.06
C LYS A 212 -1.97 -29.50 -4.65
N SER A 213 -1.12 -30.19 -5.42
CA SER A 213 -0.87 -31.60 -5.16
C SER A 213 0.55 -31.99 -5.53
N GLY A 214 1.53 -31.14 -5.22
CA GLY A 214 2.91 -31.55 -5.30
C GLY A 214 3.63 -31.02 -6.53
N ASN A 215 4.95 -31.01 -6.44
CA ASN A 215 5.83 -30.50 -7.49
C ASN A 215 7.03 -31.43 -7.67
N MET A 216 6.99 -32.26 -8.70
CA MET A 216 8.12 -33.18 -8.93
C MET A 216 9.44 -32.42 -9.14
N ASP A 217 9.38 -31.16 -9.60
CA ASP A 217 10.59 -30.36 -9.75
C ASP A 217 10.91 -29.53 -8.49
N LEU A 218 10.62 -30.09 -7.31
CA LEU A 218 10.92 -29.36 -6.07
C LEU A 218 12.40 -28.94 -6.02
N ARG A 219 13.29 -29.76 -6.54
CA ARG A 219 14.70 -29.41 -6.51
C ARG A 219 14.95 -28.05 -7.13
N ILE A 220 14.32 -27.78 -8.27
CA ILE A 220 14.54 -26.51 -8.96
C ILE A 220 13.80 -25.38 -8.29
N GLN A 221 12.56 -25.61 -7.86
CA GLN A 221 11.85 -24.58 -7.11
C GLN A 221 12.58 -24.22 -5.82
N THR A 222 13.12 -25.22 -5.12
CA THR A 222 13.84 -24.93 -3.88
C THR A 222 15.06 -24.07 -4.13
N ALA A 223 15.72 -24.26 -5.26
CA ALA A 223 16.85 -23.41 -5.60
C ALA A 223 16.41 -22.02 -5.92
N ILE A 224 15.30 -21.88 -6.62
CA ILE A 224 14.80 -20.53 -6.95
C ILE A 224 14.39 -19.78 -5.71
N MET A 225 13.61 -20.41 -4.85
CA MET A 225 13.22 -19.72 -3.62
C MET A 225 14.44 -19.49 -2.76
N ALA A 226 15.41 -20.41 -2.81
CA ALA A 226 16.58 -20.22 -1.94
C ALA A 226 17.37 -19.00 -2.33
N ALA A 227 17.21 -18.56 -3.57
CA ALA A 227 17.96 -17.43 -4.07
C ALA A 227 17.53 -16.11 -3.46
N ASN A 228 16.30 -16.00 -2.97
CA ASN A 228 15.88 -14.74 -2.36
C ASN A 228 16.77 -14.25 -1.22
N PRO A 229 17.11 -15.07 -0.21
CA PRO A 229 18.00 -14.59 0.85
C PRO A 229 19.37 -14.32 0.34
N VAL A 230 19.80 -15.08 -0.68
CA VAL A 230 21.17 -14.93 -1.21
C VAL A 230 21.26 -13.65 -2.04
N LEU A 231 20.28 -13.40 -2.89
CA LEU A 231 20.27 -12.14 -3.63
C LEU A 231 20.12 -10.91 -2.72
N GLU A 232 19.31 -11.03 -1.67
CA GLU A 232 19.23 -9.94 -0.69
C GLU A 232 20.54 -9.73 0.05
N ALA A 233 21.22 -10.82 0.42
CA ALA A 233 22.47 -10.66 1.18
C ALA A 233 23.53 -9.96 0.36
N PHE A 234 23.63 -10.29 -0.92
CA PHE A 234 24.71 -9.76 -1.72
C PHE A 234 24.32 -8.46 -2.38
N GLY A 235 23.01 -8.16 -2.48
CA GLY A 235 22.60 -7.04 -3.30
C GLY A 235 21.77 -6.01 -2.55
N ASN A 236 21.47 -6.25 -1.29
CA ASN A 236 20.65 -5.35 -0.51
C ASN A 236 21.48 -4.77 0.62
N ALA A 237 21.12 -3.58 1.06
CA ALA A 237 21.89 -2.86 2.05
C ALA A 237 20.91 -2.05 2.85
N LYS A 238 21.31 -1.73 4.09
CA LYS A 238 20.54 -0.84 4.95
C LYS A 238 20.84 0.58 4.53
N THR A 239 19.82 1.30 4.05
CA THR A 239 19.84 2.75 3.85
C THR A 239 18.93 3.46 4.86
N ILE A 240 18.93 4.79 4.79
CA ILE A 240 18.08 5.57 5.70
C ILE A 240 16.61 5.30 5.39
N ARG A 241 16.28 5.03 4.13
CA ARG A 241 14.89 4.80 3.77
C ARG A 241 14.44 3.34 3.89
N ASN A 242 15.37 2.38 3.86
CA ASN A 242 14.97 0.98 3.91
C ASN A 242 16.09 0.16 4.53
N ASN A 243 15.81 -0.44 5.67
CA ASN A 243 16.76 -1.35 6.28
C ASN A 243 17.17 -2.48 5.35
N ASN A 244 16.38 -2.76 4.31
CA ASN A 244 16.63 -3.87 3.36
C ASN A 244 16.49 -3.41 1.92
N SER A 245 17.18 -2.33 1.56
CA SER A 245 17.05 -1.69 0.25
C SER A 245 17.70 -2.57 -0.80
N SER A 246 16.94 -2.92 -1.84
CA SER A 246 17.52 -3.57 -3.01
C SER A 246 18.38 -2.59 -3.79
N ARG A 247 19.65 -2.95 -4.05
CA ARG A 247 20.54 -2.01 -4.73
C ARG A 247 20.82 -2.46 -6.16
N PHE A 248 19.81 -3.04 -6.81
CA PHE A 248 19.85 -3.63 -8.14
C PHE A 248 18.39 -3.80 -8.57
N GLY A 249 18.17 -3.90 -9.87
CA GLY A 249 16.89 -4.30 -10.41
C GLY A 249 16.88 -5.78 -10.73
N ARG A 250 15.74 -6.44 -10.53
CA ARG A 250 15.71 -7.88 -10.64
C ARG A 250 14.65 -8.25 -11.66
N PHE A 251 15.01 -9.10 -12.62
CA PHE A 251 14.05 -9.64 -13.58
C PHE A 251 14.10 -11.15 -13.48
N MET A 252 12.95 -11.77 -13.46
CA MET A 252 12.91 -13.22 -13.40
C MET A 252 12.00 -13.73 -14.50
N GLN A 253 12.29 -14.93 -15.00
CA GLN A 253 11.36 -15.68 -15.79
C GLN A 253 11.06 -16.97 -15.07
N LEU A 254 9.82 -17.43 -15.11
CA LEU A 254 9.47 -18.61 -14.34
C LEU A 254 8.51 -19.46 -15.16
N VAL A 255 8.62 -20.77 -14.97
CA VAL A 255 7.73 -21.73 -15.61
C VAL A 255 6.94 -22.37 -14.50
N ILE A 256 5.62 -22.25 -14.57
CA ILE A 256 4.78 -22.57 -13.43
C ILE A 256 3.64 -23.46 -13.87
N SER A 257 3.49 -24.63 -13.24
CA SER A 257 2.36 -25.49 -13.59
C SER A 257 1.04 -24.81 -13.27
N HIS A 258 -0.03 -25.29 -13.91
CA HIS A 258 -1.29 -24.55 -13.84
C HIS A 258 -1.93 -24.70 -12.49
N GLU A 259 -1.50 -25.68 -11.69
CA GLU A 259 -1.97 -25.86 -10.32
C GLU A 259 -0.94 -25.43 -9.28
N GLY A 260 0.06 -24.66 -9.70
CA GLY A 260 1.14 -24.26 -8.83
C GLY A 260 2.35 -25.16 -8.93
N GLY A 261 3.50 -24.58 -8.61
CA GLY A 261 4.76 -25.26 -8.58
C GLY A 261 5.61 -24.74 -9.71
N ILE A 262 6.78 -24.21 -9.35
CA ILE A 262 7.74 -23.61 -10.28
C ILE A 262 8.61 -24.72 -10.80
N ARG A 263 8.73 -24.82 -12.13
CA ARG A 263 9.44 -25.92 -12.77
C ARG A 263 10.74 -25.50 -13.39
N TYR A 264 10.90 -24.21 -13.71
CA TYR A 264 12.12 -23.70 -14.31
C TYR A 264 12.16 -22.23 -13.96
N GLY A 265 13.34 -21.63 -14.03
CA GLY A 265 13.37 -20.17 -13.92
C GLY A 265 14.67 -19.63 -14.46
N SER A 266 14.80 -18.30 -14.42
CA SER A 266 16.01 -17.63 -14.87
C SER A 266 16.03 -16.29 -14.20
N VAL A 267 17.17 -15.91 -13.60
CA VAL A 267 17.33 -14.65 -12.86
C VAL A 267 18.31 -13.70 -13.54
N VAL A 268 17.97 -12.40 -13.51
CA VAL A 268 18.79 -11.31 -14.04
C VAL A 268 18.84 -10.17 -13.03
N ALA A 269 20.05 -9.72 -12.67
CA ALA A 269 20.24 -8.56 -11.82
C ALA A 269 20.93 -7.51 -12.67
N PHE A 270 20.46 -6.26 -12.63
CA PHE A 270 21.16 -5.18 -13.33
C PHE A 270 21.21 -3.94 -12.44
N LEU A 271 22.14 -3.05 -12.79
CA LEU A 271 22.30 -1.77 -12.10
C LEU A 271 22.81 -1.92 -10.67
N LEU A 272 23.73 -2.86 -10.42
CA LEU A 272 24.23 -3.00 -9.06
C LEU A 272 25.02 -1.74 -8.68
N GLU A 273 24.66 -1.12 -7.55
CA GLU A 273 25.41 0.00 -7.00
C GLU A 273 26.81 -0.40 -6.52
N LYS A 274 27.78 -0.40 -7.45
CA LYS A 274 29.15 -0.80 -7.10
C LYS A 274 29.73 0.06 -5.97
N SER A 275 29.60 1.39 -6.10
CA SER A 275 30.22 2.28 -5.12
C SER A 275 29.91 1.91 -3.68
N ARG A 276 28.83 1.18 -3.43
CA ARG A 276 28.45 0.99 -2.03
C ARG A 276 29.50 0.18 -1.30
N ILE A 277 30.23 -0.66 -2.03
CA ILE A 277 31.13 -1.51 -1.28
C ILE A 277 32.37 -0.75 -0.81
N ILE A 278 32.66 0.42 -1.40
CA ILE A 278 33.83 1.22 -1.03
C ILE A 278 33.51 2.18 0.12
N THR A 279 32.37 2.88 0.04
CA THR A 279 31.98 3.81 1.08
C THR A 279 30.47 3.90 1.23
N GLN A 280 30.02 4.35 2.40
CA GLN A 280 28.61 4.43 2.71
C GLN A 280 28.36 5.72 3.47
N ASP A 281 27.24 6.37 3.18
CA ASP A 281 26.85 7.54 3.93
C ASP A 281 26.67 7.15 5.38
N ASP A 282 26.49 8.15 6.23
CA ASP A 282 26.34 7.87 7.64
C ASP A 282 24.96 7.28 7.90
N ASN A 283 24.90 6.46 8.95
N ASN A 283 24.89 6.45 8.94
CA ASN A 283 23.71 5.70 9.32
CA ASN A 283 23.67 5.74 9.29
C ASN A 283 23.32 4.67 8.27
C ASN A 283 23.29 4.72 8.23
N GLU A 284 24.23 4.36 7.34
CA GLU A 284 23.97 3.37 6.29
C GLU A 284 25.03 2.29 6.33
N ARG A 285 24.65 1.07 5.90
CA ARG A 285 25.62 -0.01 5.82
C ARG A 285 26.01 -0.33 4.38
N SER A 286 26.99 -1.22 4.25
CA SER A 286 27.27 -1.86 2.96
C SER A 286 26.31 -3.04 2.79
N TYR A 287 26.60 -3.91 1.84
CA TYR A 287 25.74 -5.07 1.55
C TYR A 287 25.68 -5.97 2.76
N HIS A 288 24.49 -6.49 3.05
CA HIS A 288 24.32 -7.27 4.26
C HIS A 288 25.37 -8.37 4.44
N ILE A 289 25.88 -8.94 3.32
CA ILE A 289 26.62 -10.20 3.39
C ILE A 289 27.87 -10.03 4.21
N PHE A 290 28.49 -8.85 4.12
CA PHE A 290 29.73 -8.60 4.87
C PHE A 290 29.48 -8.72 6.36
N TYR A 291 28.36 -8.22 6.83
CA TYR A 291 28.05 -8.26 8.25
C TYR A 291 27.57 -9.63 8.67
N GLN A 292 26.78 -10.30 7.83
CA GLN A 292 26.40 -11.68 8.06
C GLN A 292 27.61 -12.55 8.26
N PHE A 293 28.56 -12.44 7.33
CA PHE A 293 29.80 -13.22 7.30
C PHE A 293 30.71 -12.92 8.49
N LEU A 294 30.98 -11.65 8.75
CA LEU A 294 31.97 -11.37 9.80
C LEU A 294 31.46 -11.73 11.19
N LYS A 295 30.16 -11.56 11.43
CA LYS A 295 29.54 -11.94 12.68
C LYS A 295 29.13 -13.40 12.73
N GLY A 296 28.91 -14.03 11.58
CA GLY A 296 28.37 -15.37 11.58
C GLY A 296 29.40 -16.46 11.38
N ALA A 297 30.57 -16.14 10.82
CA ALA A 297 31.57 -17.17 10.52
C ALA A 297 31.98 -17.88 11.80
N ASN A 298 32.24 -19.19 11.73
CA ASN A 298 32.68 -19.86 12.97
C ASN A 298 34.17 -19.61 13.19
N SER A 299 34.65 -19.97 14.39
N SER A 299 34.65 -19.97 14.39
CA SER A 299 36.02 -19.66 14.76
CA SER A 299 36.03 -19.66 14.76
C SER A 299 37.04 -20.26 13.80
C SER A 299 37.02 -20.24 13.76
N THR A 300 36.74 -21.42 13.22
CA THR A 300 37.68 -22.02 12.27
C THR A 300 37.72 -21.23 10.97
N MET A 301 36.57 -20.72 10.53
CA MET A 301 36.59 -19.93 9.31
C MET A 301 37.23 -18.56 9.55
N LYS A 302 37.02 -17.95 10.72
CA LYS A 302 37.66 -16.66 10.96
C LYS A 302 39.18 -16.84 10.99
N SER A 303 39.64 -17.90 11.64
CA SER A 303 41.07 -18.12 11.73
C SER A 303 41.65 -18.39 10.36
N LYS A 304 40.94 -19.17 9.55
CA LYS A 304 41.44 -19.53 8.24
C LYS A 304 41.61 -18.31 7.34
N PHE A 305 40.63 -17.41 7.38
CA PHE A 305 40.62 -16.25 6.52
C PHE A 305 41.26 -15.02 7.17
N GLY A 306 41.66 -15.11 8.43
CA GLY A 306 42.17 -13.93 9.11
C GLY A 306 41.15 -12.81 9.25
N LEU A 307 39.95 -13.16 9.66
CA LEU A 307 38.88 -12.19 9.73
C LEU A 307 38.94 -11.41 11.03
N LYS A 308 38.69 -10.11 10.95
CA LYS A 308 38.54 -9.22 12.09
C LYS A 308 37.06 -8.85 12.26
N GLY A 309 36.79 -7.91 13.16
CA GLY A 309 35.43 -7.57 13.49
C GLY A 309 34.82 -6.59 12.52
N VAL A 310 33.48 -6.44 12.60
CA VAL A 310 32.77 -5.55 11.69
C VAL A 310 33.27 -4.13 11.79
N THR A 311 33.80 -3.73 12.95
CA THR A 311 34.26 -2.36 13.14
C THR A 311 35.69 -2.19 12.70
N GLU A 312 36.31 -3.20 12.09
CA GLU A 312 37.73 -3.13 11.84
C GLU A 312 38.07 -3.17 10.35
N TYR A 313 37.16 -2.72 9.49
CA TYR A 313 37.44 -2.77 8.06
C TYR A 313 37.20 -1.40 7.44
N LYS A 314 38.19 -0.93 6.68
CA LYS A 314 38.06 0.36 6.02
C LYS A 314 36.75 0.44 5.22
N LEU A 315 36.40 -0.63 4.51
CA LEU A 315 35.26 -0.64 3.60
C LEU A 315 33.92 -0.68 4.31
N LEU A 316 33.88 -0.77 5.63
CA LEU A 316 32.63 -0.90 6.35
C LEU A 316 32.55 0.23 7.36
N ASN A 317 31.49 1.03 7.24
CA ASN A 317 31.26 2.15 8.11
C ASN A 317 31.29 1.63 9.53
N PRO A 318 32.27 2.02 10.35
CA PRO A 318 32.42 1.40 11.67
C PRO A 318 31.29 1.71 12.63
N ASN A 319 30.47 2.72 12.34
CA ASN A 319 29.45 3.18 13.26
C ASN A 319 28.05 2.68 12.96
N SER A 320 27.80 2.07 11.80
CA SER A 320 26.42 1.66 11.47
C SER A 320 26.21 0.15 11.42
N THR A 321 27.09 -0.63 12.04
CA THR A 321 27.20 -2.04 11.77
C THR A 321 26.02 -2.82 12.26
N GLU A 322 25.19 -2.21 13.08
CA GLU A 322 24.07 -2.88 13.73
C GLU A 322 22.79 -2.24 13.25
N VAL A 323 21.82 -3.07 12.88
CA VAL A 323 20.52 -2.66 12.36
C VAL A 323 19.44 -3.26 13.23
N SER A 324 18.54 -2.43 13.73
CA SER A 324 17.53 -2.92 14.66
C SER A 324 16.60 -3.90 13.96
N GLY A 325 16.28 -4.99 14.65
CA GLY A 325 15.42 -6.00 14.07
C GLY A 325 16.12 -6.92 13.08
N VAL A 326 17.43 -6.83 12.96
CA VAL A 326 18.18 -7.61 11.99
C VAL A 326 19.24 -8.40 12.75
N ASP A 327 19.13 -9.72 12.70
CA ASP A 327 20.09 -10.66 13.30
C ASP A 327 20.95 -11.19 12.16
N ASP A 328 22.10 -10.58 11.94
CA ASP A 328 22.96 -10.96 10.83
C ASP A 328 23.50 -12.36 10.98
N VAL A 329 23.63 -12.85 12.21
CA VAL A 329 24.12 -14.22 12.40
C VAL A 329 23.08 -15.23 11.93
N LYS A 330 21.83 -15.06 12.34
CA LYS A 330 20.77 -15.94 11.87
C LYS A 330 20.60 -15.81 10.37
N ASP A 331 20.71 -14.58 9.84
CA ASP A 331 20.65 -14.39 8.38
C ASP A 331 21.81 -15.13 7.67
N PHE A 332 23.00 -15.11 8.25
CA PHE A 332 24.11 -15.84 7.62
C PHE A 332 23.81 -17.33 7.55
N GLU A 333 23.32 -17.91 8.64
CA GLU A 333 23.02 -19.33 8.63
C GLU A 333 22.05 -19.66 7.51
N GLU A 334 21.03 -18.81 7.31
CA GLU A 334 20.07 -19.04 6.24
C GLU A 334 20.73 -18.90 4.86
N VAL A 335 21.68 -17.97 4.73
CA VAL A 335 22.37 -17.82 3.47
C VAL A 335 23.21 -19.04 3.18
N ILE A 336 23.92 -19.56 4.18
CA ILE A 336 24.72 -20.77 3.94
C ILE A 336 23.80 -21.94 3.55
N GLU A 337 22.66 -22.10 4.22
CA GLU A 337 21.72 -23.15 3.85
C GLU A 337 21.19 -22.94 2.43
N SER A 338 20.93 -21.69 2.05
CA SER A 338 20.39 -21.38 0.74
C SER A 338 21.39 -21.66 -0.35
N LEU A 339 22.66 -21.27 -0.13
CA LEU A 339 23.68 -21.61 -1.14
C LEU A 339 23.73 -23.11 -1.40
N LYS A 340 23.62 -23.93 -0.36
CA LYS A 340 23.57 -25.37 -0.56
C LYS A 340 22.34 -25.74 -1.38
N ASN A 341 21.20 -25.13 -1.09
CA ASN A 341 20.01 -25.45 -1.83
C ASN A 341 20.10 -24.99 -3.28
N MET A 342 21.07 -24.16 -3.60
CA MET A 342 21.37 -23.75 -4.96
C MET A 342 22.40 -24.70 -5.58
N GLU A 343 22.71 -25.81 -4.91
CA GLU A 343 23.62 -26.84 -5.45
C GLU A 343 25.03 -26.28 -5.62
N LEU A 344 25.45 -25.40 -4.70
CA LEU A 344 26.86 -25.07 -4.52
C LEU A 344 27.42 -26.04 -3.51
N SER A 345 28.59 -26.61 -3.81
CA SER A 345 29.22 -27.50 -2.85
C SER A 345 29.87 -26.71 -1.71
N GLU A 346 30.33 -27.44 -0.70
CA GLU A 346 30.97 -26.82 0.45
C GLU A 346 32.27 -26.15 0.02
N SER A 347 33.06 -26.82 -0.83
CA SER A 347 34.20 -26.17 -1.46
C SER A 347 33.81 -24.92 -2.23
N ASP A 348 32.73 -24.97 -3.01
CA ASP A 348 32.29 -23.76 -3.73
C ASP A 348 32.01 -22.64 -2.74
N ILE A 349 31.29 -22.95 -1.67
CA ILE A 349 30.90 -21.94 -0.71
C ILE A 349 32.12 -21.39 0.00
N GLU A 350 33.14 -22.19 0.20
CA GLU A 350 34.32 -21.66 0.86
C GLU A 350 35.11 -20.74 -0.08
N VAL A 351 35.11 -21.04 -1.38
CA VAL A 351 35.74 -20.10 -2.31
C VAL A 351 35.00 -18.77 -2.29
N ILE A 352 33.68 -18.84 -2.26
CA ILE A 352 32.90 -17.61 -2.33
C ILE A 352 33.26 -16.69 -1.17
N PHE A 353 33.28 -17.22 0.03
CA PHE A 353 33.61 -16.41 1.19
C PHE A 353 35.10 -16.17 1.32
N SER A 354 35.93 -16.96 0.66
CA SER A 354 37.33 -16.58 0.59
C SER A 354 37.46 -15.28 -0.18
N ILE A 355 36.75 -15.19 -1.32
CA ILE A 355 36.83 -13.98 -2.14
C ILE A 355 36.28 -12.81 -1.36
N VAL A 356 35.15 -13.01 -0.66
CA VAL A 356 34.59 -11.94 0.13
C VAL A 356 35.59 -11.45 1.16
N ALA A 357 36.29 -12.39 1.83
CA ALA A 357 37.28 -12.01 2.85
C ALA A 357 38.47 -11.32 2.20
N GLY A 358 38.83 -11.73 1.00
CA GLY A 358 39.94 -11.07 0.31
C GLY A 358 39.63 -9.63 -0.11
N ILE A 359 38.38 -9.36 -0.50
CA ILE A 359 38.00 -7.99 -0.85
C ILE A 359 38.08 -7.10 0.38
N LEU A 360 37.46 -7.55 1.47
CA LEU A 360 37.58 -6.86 2.75
C LEU A 360 39.03 -6.63 3.14
N THR A 361 39.87 -7.66 3.03
CA THR A 361 41.26 -7.54 3.47
C THR A 361 42.01 -6.55 2.58
N LEU A 362 41.77 -6.61 1.28
CA LEU A 362 42.40 -5.65 0.39
C LEU A 362 41.98 -4.24 0.74
N GLY A 363 40.73 -4.03 1.14
CA GLY A 363 40.36 -2.69 1.50
C GLY A 363 41.18 -2.11 2.63
N ASN A 364 41.77 -2.97 3.45
CA ASN A 364 42.55 -2.60 4.61
C ASN A 364 44.01 -2.41 4.32
N VAL A 365 44.44 -2.69 3.08
CA VAL A 365 45.80 -2.37 2.67
C VAL A 365 45.94 -0.87 2.48
N ARG A 366 46.92 -0.28 3.13
CA ARG A 366 47.16 1.16 3.02
C ARG A 366 48.29 1.44 2.05
N LEU A 367 48.16 2.51 1.28
CA LEU A 367 49.20 2.95 0.37
C LEU A 367 49.78 4.26 0.86
N ILE A 368 50.98 4.57 0.35
CA ILE A 368 51.70 5.79 0.72
C ILE A 368 52.32 6.42 -0.50
N GLU A 369 52.60 7.72 -0.41
N GLU A 369 52.61 7.73 -0.40
CA GLU A 369 53.37 8.44 -1.43
CA GLU A 369 53.37 8.46 -1.42
C GLU A 369 54.85 8.19 -1.18
C GLU A 369 54.85 8.24 -1.19
N LYS A 370 55.53 7.61 -2.16
CA LYS A 370 56.98 7.43 -2.14
C LYS A 370 57.59 8.47 -3.09
N GLN A 371 58.34 9.41 -2.53
CA GLN A 371 58.98 10.47 -3.30
C GLN A 371 60.50 10.29 -3.26
N GLU A 372 61.12 10.25 -4.44
CA GLU A 372 62.56 10.06 -4.58
C GLU A 372 63.14 11.06 -5.56
N SER A 376 59.36 11.06 -10.14
CA SER A 376 58.08 11.64 -9.78
C SER A 376 57.37 10.94 -8.59
N ASP A 377 56.31 11.58 -8.08
CA ASP A 377 55.48 11.04 -7.00
C ASP A 377 54.98 9.65 -7.35
N ALA A 378 55.37 8.66 -6.55
CA ALA A 378 54.95 7.29 -6.78
C ALA A 378 54.19 6.73 -5.57
N ALA A 379 53.42 5.71 -5.83
CA ALA A 379 52.69 5.03 -4.77
C ALA A 379 53.42 3.76 -4.36
N ALA A 380 53.19 3.35 -3.12
CA ALA A 380 53.72 2.10 -2.63
C ALA A 380 52.80 1.55 -1.56
N ILE A 381 52.85 0.24 -1.39
CA ILE A 381 52.16 -0.40 -0.28
C ILE A 381 52.98 -0.17 0.98
N MET A 382 52.37 0.45 1.98
CA MET A 382 52.96 0.54 3.30
C MET A 382 53.57 -0.79 3.70
N ASP A 383 54.85 -0.77 4.11
CA ASP A 383 55.56 -2.03 4.34
C ASP A 383 54.91 -2.80 5.46
N GLU A 384 54.29 -2.11 6.40
CA GLU A 384 53.58 -2.78 7.48
C GLU A 384 52.42 -3.62 6.95
N ASP A 385 51.91 -3.28 5.77
CA ASP A 385 50.70 -3.93 5.26
C ASP A 385 50.98 -4.88 4.13
N MET A 386 52.24 -5.19 3.85
CA MET A 386 52.52 -6.03 2.70
C MET A 386 52.00 -7.46 2.90
N GLY A 387 51.97 -7.92 4.13
CA GLY A 387 51.48 -9.23 4.41
C GLY A 387 49.98 -9.25 4.27
N VAL A 388 49.33 -8.17 4.70
CA VAL A 388 47.89 -8.04 4.55
C VAL A 388 47.54 -8.06 3.07
N PHE A 389 48.33 -7.35 2.26
CA PHE A 389 48.13 -7.40 0.82
C PHE A 389 48.27 -8.82 0.29
N ASN A 390 49.34 -9.52 0.67
CA ASN A 390 49.55 -10.86 0.15
C ASN A 390 48.40 -11.80 0.54
N LYS A 391 47.94 -11.72 1.79
CA LYS A 391 46.81 -12.56 2.22
C LYS A 391 45.55 -12.21 1.43
N ALA A 392 45.34 -10.92 1.17
CA ALA A 392 44.18 -10.52 0.38
C ALA A 392 44.19 -11.21 -0.98
N CYS A 393 45.34 -11.18 -1.68
CA CYS A 393 45.42 -11.82 -3.00
C CYS A 393 45.35 -13.34 -2.93
N GLU A 394 45.92 -13.94 -1.88
CA GLU A 394 45.73 -15.36 -1.69
C GLU A 394 44.25 -15.70 -1.50
N LEU A 395 43.53 -14.88 -0.72
CA LEU A 395 42.13 -15.17 -0.45
C LEU A 395 41.35 -15.10 -1.73
N MET A 396 41.78 -14.27 -2.67
CA MET A 396 41.12 -14.10 -3.98
C MET A 396 41.71 -15.00 -5.03
N TYR A 397 42.65 -15.88 -4.67
CA TYR A 397 43.29 -16.76 -5.64
C TYR A 397 43.88 -15.94 -6.77
N LEU A 398 44.55 -14.85 -6.41
CA LEU A 398 45.16 -13.96 -7.37
C LEU A 398 46.68 -13.92 -7.20
N ASP A 399 47.39 -13.69 -8.29
CA ASP A 399 48.85 -13.59 -8.25
C ASP A 399 49.31 -12.33 -7.55
N PRO A 400 49.92 -12.41 -6.37
CA PRO A 400 50.16 -11.16 -5.60
C PRO A 400 51.10 -10.19 -6.31
N GLU A 401 52.14 -10.68 -6.98
N GLU A 401 52.13 -10.70 -6.98
CA GLU A 401 53.08 -9.75 -7.60
CA GLU A 401 53.10 -9.81 -7.63
C GLU A 401 52.47 -9.09 -8.84
C GLU A 401 52.48 -9.11 -8.83
N LEU A 402 51.68 -9.84 -9.62
CA LEU A 402 51.08 -9.24 -10.81
C LEU A 402 50.00 -8.23 -10.42
N ILE A 403 49.21 -8.54 -9.40
CA ILE A 403 48.22 -7.57 -8.91
C ILE A 403 48.92 -6.32 -8.38
N LYS A 404 50.03 -6.49 -7.67
CA LYS A 404 50.81 -5.33 -7.24
C LYS A 404 51.21 -4.44 -8.42
N ARG A 405 51.77 -5.04 -9.47
CA ARG A 405 52.28 -4.21 -10.56
C ARG A 405 51.14 -3.42 -11.20
N GLU A 406 49.96 -4.02 -11.29
CA GLU A 406 48.84 -3.31 -11.92
C GLU A 406 48.37 -2.14 -11.08
N ILE A 407 48.52 -2.22 -9.76
CA ILE A 407 48.07 -1.10 -8.93
C ILE A 407 49.10 0.00 -8.84
N LEU A 408 50.39 -0.33 -9.04
CA LEU A 408 51.48 0.62 -8.85
C LEU A 408 52.14 1.09 -10.14
N ILE A 409 52.20 0.24 -11.16
CA ILE A 409 52.91 0.55 -12.39
C ILE A 409 51.90 1.00 -13.46
N LYS A 410 52.20 2.15 -14.06
CA LYS A 410 51.37 2.79 -15.08
C LYS A 410 52.06 2.64 -16.42
N VAL A 411 51.28 2.58 -17.49
CA VAL A 411 51.82 2.67 -18.82
C VAL A 411 51.05 3.74 -19.58
N THR A 412 51.73 4.82 -19.94
CA THR A 412 51.12 5.92 -20.67
C THR A 412 51.67 5.89 -22.09
N VAL A 413 50.90 6.44 -23.01
CA VAL A 413 51.30 6.61 -24.40
C VAL A 413 51.50 8.09 -24.63
N ALA A 414 52.73 8.48 -24.93
CA ALA A 414 53.09 9.85 -25.27
C ALA A 414 53.78 9.84 -26.64
N GLY A 415 53.45 10.84 -27.46
CA GLY A 415 53.78 10.75 -28.87
C GLY A 415 53.05 9.51 -29.38
N GLY A 416 53.81 8.52 -29.84
CA GLY A 416 53.20 7.25 -30.09
C GLY A 416 53.95 6.13 -29.41
N THR A 417 54.56 6.45 -28.26
CA THR A 417 55.41 5.52 -27.55
C THR A 417 54.81 5.20 -26.19
N LYS A 418 54.92 3.91 -25.83
CA LYS A 418 54.55 3.41 -24.52
C LYS A 418 55.68 3.72 -23.53
N ILE A 419 55.33 4.38 -22.44
CA ILE A 419 56.27 4.85 -21.45
C ILE A 419 55.83 4.29 -20.12
N GLU A 420 56.66 3.45 -19.52
CA GLU A 420 56.34 2.95 -18.19
C GLU A 420 56.54 4.06 -17.17
N GLY A 421 55.64 4.13 -16.21
CA GLY A 421 55.72 5.09 -15.14
C GLY A 421 55.14 4.49 -13.86
N ARG A 422 54.71 5.34 -12.93
CA ARG A 422 54.20 4.88 -11.65
C ARG A 422 52.94 5.67 -11.34
N TRP A 423 51.88 4.95 -10.94
CA TRP A 423 50.69 5.61 -10.40
C TRP A 423 51.05 6.34 -9.11
N ASN A 424 50.51 7.53 -8.95
CA ASN A 424 50.66 8.21 -7.68
C ASN A 424 49.68 7.59 -6.67
N LYS A 425 49.76 8.04 -5.42
CA LYS A 425 48.91 7.47 -4.38
C LYS A 425 47.44 7.52 -4.78
N ASN A 426 46.93 8.70 -5.11
CA ASN A 426 45.49 8.84 -5.34
C ASN A 426 45.02 7.89 -6.44
N ASP A 427 45.72 7.87 -7.57
CA ASP A 427 45.33 6.98 -8.65
C ASP A 427 45.46 5.52 -8.24
N ALA A 428 46.52 5.17 -7.49
CA ALA A 428 46.67 3.77 -7.12
C ALA A 428 45.56 3.34 -6.17
N GLU A 429 45.06 4.26 -5.34
CA GLU A 429 43.94 3.92 -4.47
C GLU A 429 42.69 3.64 -5.30
N VAL A 430 42.46 4.47 -6.33
CA VAL A 430 41.33 4.27 -7.21
C VAL A 430 41.40 2.88 -7.83
N LEU A 431 42.60 2.43 -8.19
CA LEU A 431 42.75 1.15 -8.84
C LEU A 431 42.52 0.02 -7.88
N LYS A 432 43.06 0.13 -6.67
CA LYS A 432 42.79 -0.84 -5.61
C LYS A 432 41.30 -0.90 -5.35
N SER A 433 40.66 0.26 -5.27
CA SER A 433 39.22 0.31 -5.03
C SER A 433 38.45 -0.31 -6.18
N SER A 434 38.86 -0.05 -7.41
CA SER A 434 38.07 -0.59 -8.51
C SER A 434 38.21 -2.12 -8.58
N LEU A 435 39.35 -2.65 -8.17
CA LEU A 435 39.49 -4.11 -8.07
C LEU A 435 38.51 -4.68 -7.03
N CYS A 436 38.44 -4.07 -5.84
CA CYS A 436 37.46 -4.51 -4.87
C CYS A 436 36.05 -4.49 -5.46
N LYS A 437 35.64 -3.38 -6.07
CA LYS A 437 34.29 -3.30 -6.60
C LYS A 437 34.05 -4.35 -7.69
N ALA A 438 34.98 -4.48 -8.60
CA ALA A 438 34.79 -5.39 -9.73
C ALA A 438 34.74 -6.84 -9.27
N MET A 439 35.55 -7.21 -8.30
CA MET A 439 35.53 -8.59 -7.84
C MET A 439 34.21 -8.89 -7.18
N TYR A 440 33.66 -7.93 -6.40
CA TYR A 440 32.39 -8.16 -5.72
C TYR A 440 31.25 -8.25 -6.70
N GLU A 441 31.13 -7.28 -7.58
CA GLU A 441 30.10 -7.34 -8.61
C GLU A 441 30.16 -8.65 -9.42
N LYS A 442 31.35 -9.00 -9.94
CA LYS A 442 31.40 -10.23 -10.75
C LYS A 442 31.09 -11.46 -9.91
N LEU A 443 31.39 -11.45 -8.61
CA LEU A 443 31.05 -12.60 -7.78
C LEU A 443 29.53 -12.71 -7.61
N PHE A 444 28.86 -11.60 -7.33
CA PHE A 444 27.38 -11.58 -7.36
C PHE A 444 26.83 -12.15 -8.67
N LEU A 445 27.27 -11.59 -9.80
CA LEU A 445 26.78 -12.07 -11.09
C LEU A 445 27.18 -13.51 -11.35
N TRP A 446 28.32 -13.96 -10.84
CA TRP A 446 28.69 -15.36 -10.99
C TRP A 446 27.74 -16.25 -10.18
N ILE A 447 27.31 -15.80 -9.01
CA ILE A 447 26.42 -16.65 -8.24
C ILE A 447 25.12 -16.81 -8.99
N ILE A 448 24.69 -15.75 -9.65
CA ILE A 448 23.45 -15.80 -10.41
C ILE A 448 23.60 -16.69 -11.63
N ARG A 449 24.78 -16.68 -12.25
CA ARG A 449 24.97 -17.50 -13.44
C ARG A 449 24.96 -18.95 -13.04
N HIS A 450 25.56 -19.23 -11.89
CA HIS A 450 25.53 -20.60 -11.37
C HIS A 450 24.09 -21.02 -11.13
N LEU A 451 23.33 -20.17 -10.45
CA LEU A 451 21.93 -20.48 -10.19
C LEU A 451 21.23 -20.79 -11.51
N ASN A 452 21.41 -19.93 -12.50
CA ASN A 452 20.71 -20.10 -13.75
C ASN A 452 21.10 -21.41 -14.43
N SER A 453 22.37 -21.85 -14.26
CA SER A 453 22.78 -23.10 -14.87
C SER A 453 22.08 -24.28 -14.27
N ARG A 454 21.43 -24.13 -13.11
CA ARG A 454 20.70 -25.25 -12.49
C ARG A 454 19.20 -25.19 -12.68
N ILE A 455 18.64 -24.02 -12.99
CA ILE A 455 17.20 -23.86 -13.00
C ILE A 455 16.63 -23.58 -14.38
N GLU A 456 17.42 -23.27 -15.35
CA GLU A 456 16.91 -22.85 -16.64
C GLU A 456 16.53 -24.06 -17.48
N PRO A 457 15.57 -23.93 -18.39
CA PRO A 457 15.24 -25.02 -19.29
C PRO A 457 16.26 -25.16 -20.40
N GLU A 458 16.43 -26.40 -20.85
CA GLU A 458 17.47 -26.69 -21.84
C GLU A 458 17.30 -25.82 -23.08
N GLY A 459 16.09 -25.75 -23.61
CA GLY A 459 15.97 -25.11 -24.89
C GLY A 459 15.44 -23.69 -24.91
N GLY A 460 15.53 -23.00 -23.78
CA GLY A 460 14.89 -21.71 -23.65
C GLY A 460 13.43 -21.84 -23.25
N PHE A 461 12.80 -20.68 -23.05
CA PHE A 461 11.43 -20.63 -22.57
C PHE A 461 10.50 -20.57 -23.77
N LYS A 462 9.48 -21.42 -23.75
CA LYS A 462 8.32 -21.28 -24.62
C LYS A 462 7.42 -20.19 -24.03
N THR A 463 6.63 -20.53 -23.05
CA THR A 463 5.75 -19.60 -22.40
C THR A 463 6.30 -19.40 -21.01
N PHE A 464 6.20 -18.19 -20.47
CA PHE A 464 6.88 -17.90 -19.22
C PHE A 464 6.15 -16.79 -18.49
N MET A 465 6.34 -16.77 -17.17
CA MET A 465 5.85 -15.72 -16.28
C MET A 465 7.04 -14.84 -15.93
N GLY A 466 7.01 -13.58 -16.37
CA GLY A 466 8.03 -12.63 -16.03
C GLY A 466 7.71 -11.93 -14.71
N MET A 467 8.74 -11.48 -14.00
CA MET A 467 8.50 -10.63 -12.85
C MET A 467 9.63 -9.64 -12.82
N LEU A 468 9.30 -8.35 -12.69
CA LEU A 468 10.30 -7.28 -12.61
C LEU A 468 10.10 -6.58 -11.27
N ASP A 469 11.18 -6.34 -10.54
CA ASP A 469 11.19 -5.68 -9.23
C ASP A 469 12.22 -4.58 -9.37
N ILE A 470 11.77 -3.35 -9.62
CA ILE A 470 12.68 -2.26 -9.99
C ILE A 470 12.27 -0.95 -9.32
N PHE A 471 13.23 -0.04 -9.20
CA PHE A 471 12.97 1.31 -8.73
C PHE A 471 11.98 1.97 -9.66
N GLY A 472 11.02 2.69 -9.08
CA GLY A 472 10.15 3.56 -9.86
C GLY A 472 10.83 4.90 -10.14
N PHE A 473 10.11 5.84 -10.74
CA PHE A 473 10.71 7.14 -10.98
C PHE A 473 11.32 7.69 -9.69
N GLU A 474 12.52 8.26 -9.81
CA GLU A 474 13.28 8.82 -8.69
C GLU A 474 13.59 10.29 -8.95
N VAL A 475 13.18 11.15 -8.02
CA VAL A 475 13.45 12.59 -8.13
C VAL A 475 14.07 13.01 -6.80
N PHE A 476 15.40 13.09 -6.76
CA PHE A 476 16.16 13.53 -5.60
C PHE A 476 16.70 14.95 -5.83
N LYS A 477 17.20 15.54 -4.74
CA LYS A 477 17.89 16.83 -4.86
C LYS A 477 19.00 16.74 -5.89
N ASN A 478 19.99 15.88 -5.62
CA ASN A 478 21.06 15.62 -6.57
C ASN A 478 20.75 14.33 -7.33
N ASN A 479 20.34 14.46 -8.58
CA ASN A 479 20.18 13.33 -9.48
C ASN A 479 21.44 13.11 -10.27
N SER A 480 21.99 11.90 -10.19
CA SER A 480 23.19 11.60 -10.94
C SER A 480 22.96 10.51 -11.99
N LEU A 481 24.04 9.89 -12.46
CA LEU A 481 23.93 8.97 -13.58
C LEU A 481 23.03 7.79 -13.24
N GLU A 482 23.15 7.26 -12.03
CA GLU A 482 22.34 6.15 -11.57
C GLU A 482 20.86 6.48 -11.68
N GLN A 483 20.49 7.72 -11.37
CA GLN A 483 19.09 8.11 -11.47
C GLN A 483 18.67 8.24 -12.93
N LEU A 484 19.57 8.74 -13.79
CA LEU A 484 19.25 8.80 -15.21
C LEU A 484 18.88 7.42 -15.74
N PHE A 485 19.72 6.42 -15.47
CA PHE A 485 19.40 5.08 -15.96
C PHE A 485 18.07 4.61 -15.40
N ILE A 486 17.79 4.89 -14.14
CA ILE A 486 16.54 4.41 -13.55
C ILE A 486 15.36 5.05 -14.25
N ASN A 487 15.47 6.35 -14.55
CA ASN A 487 14.33 7.11 -15.05
C ASN A 487 14.11 6.87 -16.53
N ILE A 488 15.18 6.51 -17.24
CA ILE A 488 15.01 5.97 -18.59
C ILE A 488 14.26 4.66 -18.56
N THR A 489 14.64 3.77 -17.63
CA THR A 489 13.90 2.50 -17.51
C THR A 489 12.41 2.76 -17.32
N ASN A 490 12.08 3.70 -16.47
CA ASN A 490 10.67 3.94 -16.21
C ASN A 490 9.96 4.65 -17.33
N GLU A 491 10.67 5.34 -18.23
CA GLU A 491 9.98 5.85 -19.41
C GLU A 491 9.60 4.67 -20.32
N MET A 492 10.47 3.66 -20.40
CA MET A 492 10.15 2.47 -21.18
C MET A 492 8.93 1.74 -20.58
N LEU A 493 8.87 1.62 -19.27
CA LEU A 493 7.72 0.96 -18.67
C LEU A 493 6.45 1.81 -18.79
N GLN A 494 6.58 3.13 -18.66
CA GLN A 494 5.41 3.99 -18.92
C GLN A 494 4.83 3.69 -20.27
N LYS A 495 5.69 3.58 -21.29
CA LYS A 495 5.20 3.31 -22.62
C LYS A 495 4.52 1.95 -22.69
N ASN A 496 5.07 0.96 -22.02
CA ASN A 496 4.40 -0.34 -21.99
C ASN A 496 3.01 -0.21 -21.40
N PHE A 497 2.87 0.61 -20.35
CA PHE A 497 1.55 0.86 -19.72
C PHE A 497 0.59 1.60 -20.66
N VAL A 498 1.03 2.70 -21.29
CA VAL A 498 0.07 3.43 -22.14
C VAL A 498 -0.26 2.65 -23.38
N ASP A 499 0.65 1.80 -23.85
CA ASP A 499 0.37 1.05 -25.06
C ASP A 499 -0.66 -0.03 -24.81
N ILE A 500 -0.59 -0.71 -23.66
CA ILE A 500 -1.45 -1.86 -23.43
C ILE A 500 -2.83 -1.37 -23.11
N VAL A 501 -2.95 -0.23 -22.45
CA VAL A 501 -4.28 0.35 -22.22
C VAL A 501 -4.94 0.73 -23.53
N PHE A 502 -4.20 1.40 -24.41
CA PHE A 502 -4.70 1.75 -25.73
C PHE A 502 -5.04 0.52 -26.55
N GLU A 503 -4.12 -0.44 -26.63
CA GLU A 503 -4.36 -1.66 -27.41
C GLU A 503 -5.66 -2.32 -26.98
N ARG A 504 -5.87 -2.44 -25.67
CA ARG A 504 -7.01 -3.20 -25.16
C ARG A 504 -8.31 -2.46 -25.38
N GLU A 505 -8.28 -1.14 -25.22
CA GLU A 505 -9.48 -0.36 -25.47
C GLU A 505 -9.83 -0.38 -26.95
N SER A 506 -8.83 -0.21 -27.82
N SER A 506 -8.83 -0.19 -27.82
CA SER A 506 -9.08 -0.21 -29.26
CA SER A 506 -9.09 -0.21 -29.26
C SER A 506 -9.64 -1.54 -29.72
C SER A 506 -9.67 -1.54 -29.70
N LYS A 507 -9.15 -2.64 -29.15
CA LYS A 507 -9.65 -3.94 -29.57
C LYS A 507 -11.10 -4.11 -29.16
N LEU A 508 -11.47 -3.66 -27.96
CA LEU A 508 -12.85 -3.80 -27.53
C LEU A 508 -13.79 -2.97 -28.40
N TYR A 509 -13.42 -1.74 -28.70
CA TYR A 509 -14.23 -0.90 -29.57
C TYR A 509 -14.42 -1.59 -30.92
N LYS A 510 -13.32 -2.04 -31.52
CA LYS A 510 -13.39 -2.71 -32.83
C LYS A 510 -14.23 -3.98 -32.77
N ASP A 511 -13.97 -4.87 -31.82
CA ASP A 511 -14.80 -6.08 -31.72
C ASP A 511 -16.28 -5.74 -31.56
N GLU A 512 -16.62 -4.56 -31.11
CA GLU A 512 -18.00 -4.20 -30.83
C GLU A 512 -18.57 -3.22 -31.85
N GLY A 513 -17.76 -2.76 -32.79
CA GLY A 513 -18.22 -1.92 -33.87
C GLY A 513 -18.19 -0.44 -33.59
N ILE A 514 -17.61 -0.02 -32.48
CA ILE A 514 -17.57 1.37 -32.04
C ILE A 514 -16.37 2.05 -32.68
N SER A 515 -16.53 3.34 -32.94
CA SER A 515 -15.48 4.08 -33.62
C SER A 515 -14.34 4.43 -32.67
N THR A 516 -13.12 4.09 -33.07
CA THR A 516 -11.92 4.36 -32.30
C THR A 516 -11.38 5.76 -32.54
N ALA A 517 -11.98 6.55 -33.41
CA ALA A 517 -11.41 7.86 -33.70
C ALA A 517 -11.43 8.75 -32.47
N GLU A 518 -12.24 8.40 -31.49
CA GLU A 518 -12.35 9.17 -30.27
C GLU A 518 -11.35 8.76 -29.19
N LEU A 519 -10.43 7.83 -29.48
CA LEU A 519 -9.52 7.32 -28.47
C LEU A 519 -8.28 8.21 -28.36
N LYS A 520 -7.78 8.34 -27.15
CA LYS A 520 -6.65 9.20 -26.85
C LYS A 520 -5.45 8.36 -26.41
N TYR A 521 -4.29 8.96 -26.61
CA TYR A 521 -3.02 8.29 -26.37
C TYR A 521 -2.03 9.41 -26.09
N THR A 522 -1.34 9.31 -24.97
CA THR A 522 -0.38 10.33 -24.52
C THR A 522 1.01 9.74 -24.74
N SER A 523 1.57 10.00 -25.91
CA SER A 523 2.86 9.43 -26.23
C SER A 523 3.96 10.01 -25.36
N ASN A 524 4.93 9.16 -25.03
CA ASN A 524 6.19 9.64 -24.47
C ASN A 524 7.34 9.32 -25.40
N LYS A 525 7.05 9.12 -26.69
CA LYS A 525 8.08 8.90 -27.71
C LYS A 525 9.16 9.98 -27.70
N GLU A 526 8.77 11.25 -27.62
CA GLU A 526 9.77 12.28 -27.74
C GLU A 526 10.81 12.19 -26.63
N VAL A 527 10.37 11.92 -25.40
CA VAL A 527 11.31 11.92 -24.29
C VAL A 527 12.19 10.68 -24.30
N ILE A 528 11.66 9.53 -24.73
CA ILE A 528 12.53 8.36 -24.87
C ILE A 528 13.64 8.65 -25.90
N ASN A 529 13.28 9.29 -27.00
CA ASN A 529 14.26 9.59 -28.04
C ASN A 529 15.31 10.57 -27.54
N VAL A 530 14.90 11.60 -26.82
CA VAL A 530 15.87 12.56 -26.35
C VAL A 530 16.84 11.91 -25.41
N LEU A 531 16.45 10.78 -24.83
CA LEU A 531 17.29 10.04 -23.90
C LEU A 531 18.08 8.96 -24.59
N CYS A 532 17.47 8.28 -25.58
CA CYS A 532 18.08 7.07 -26.14
C CYS A 532 18.30 7.00 -27.66
N GLU A 533 17.72 7.89 -28.45
CA GLU A 533 17.89 7.75 -29.90
C GLU A 533 19.36 7.77 -30.23
N LYS A 534 19.82 6.84 -31.10
CA LYS A 534 21.24 6.81 -31.47
C LYS A 534 21.63 8.09 -32.21
N GLY A 535 22.78 8.64 -31.84
CA GLY A 535 23.23 9.85 -32.49
C GLY A 535 22.61 11.12 -31.98
N LYS A 536 21.34 11.07 -31.61
CA LYS A 536 20.66 12.31 -31.22
C LYS A 536 20.01 12.20 -29.85
N SER A 537 20.82 11.94 -28.82
CA SER A 537 20.27 11.66 -27.51
C SER A 537 21.31 11.92 -26.43
N VAL A 538 20.83 11.95 -25.18
CA VAL A 538 21.72 12.13 -24.05
C VAL A 538 22.66 10.94 -23.93
N LEU A 539 22.13 9.74 -24.05
CA LEU A 539 22.99 8.56 -23.92
C LEU A 539 23.99 8.47 -25.08
N SER A 540 23.60 8.98 -26.25
CA SER A 540 24.54 8.99 -27.38
C SER A 540 25.71 9.91 -27.11
N TYR A 541 25.42 11.15 -26.65
CA TYR A 541 26.45 12.15 -26.34
C TYR A 541 27.20 11.84 -25.04
N LEU A 542 26.64 11.07 -24.11
CA LEU A 542 27.47 10.60 -23.00
C LEU A 542 28.51 9.59 -23.48
N GLU A 543 28.11 8.72 -24.41
CA GLU A 543 29.03 7.76 -24.99
C GLU A 543 30.13 8.45 -25.78
N ASP A 544 29.75 9.34 -26.72
CA ASP A 544 30.74 10.05 -27.53
C ASP A 544 31.77 10.73 -26.64
N GLN A 545 31.31 11.57 -25.69
CA GLN A 545 32.23 12.24 -24.78
C GLN A 545 33.13 11.23 -24.05
N CYS A 546 32.59 10.10 -23.62
CA CYS A 546 33.44 9.10 -22.96
C CYS A 546 34.53 8.59 -23.90
N LEU A 547 34.18 8.36 -25.15
CA LEU A 547 35.10 7.84 -26.15
C LEU A 547 35.96 8.92 -26.79
N ALA A 548 35.95 10.12 -26.23
CA ALA A 548 36.73 11.22 -26.80
C ALA A 548 37.89 11.59 -25.87
N PRO A 549 39.10 11.74 -26.41
CA PRO A 549 40.20 12.28 -25.59
C PRO A 549 39.87 13.70 -25.18
N GLY A 550 40.05 13.98 -23.90
CA GLY A 550 39.68 15.29 -23.38
C GLY A 550 38.19 15.51 -23.31
N GLY A 551 37.42 14.44 -23.09
CA GLY A 551 36.02 14.61 -22.81
C GLY A 551 35.82 15.17 -21.42
N THR A 552 34.74 15.92 -21.25
CA THR A 552 34.42 16.52 -19.95
C THR A 552 32.93 16.42 -19.69
N ASP A 553 32.57 16.47 -18.41
CA ASP A 553 31.17 16.59 -18.06
C ASP A 553 30.54 17.75 -18.80
N GLU A 554 31.17 18.92 -18.67
CA GLU A 554 30.59 20.15 -19.22
C GLU A 554 30.49 20.10 -20.74
N LYS A 555 31.48 19.52 -21.41
CA LYS A 555 31.40 19.33 -22.85
C LYS A 555 30.27 18.38 -23.22
N PHE A 556 30.10 17.33 -22.42
CA PHE A 556 28.93 16.47 -22.58
C PHE A 556 27.65 17.29 -22.50
N VAL A 557 27.48 18.03 -21.40
CA VAL A 557 26.28 18.85 -21.26
C VAL A 557 26.17 19.78 -22.46
N SER A 558 27.25 20.49 -22.76
CA SER A 558 27.25 21.46 -23.85
C SER A 558 26.77 20.82 -25.15
N SER A 559 27.40 19.70 -25.51
CA SER A 559 27.04 19.04 -26.76
C SER A 559 25.57 18.68 -26.77
N CYS A 560 25.01 18.35 -25.61
CA CYS A 560 23.60 17.98 -25.53
C CYS A 560 22.72 19.20 -25.82
N ALA A 561 22.95 20.29 -25.09
CA ALA A 561 22.12 21.48 -25.25
C ALA A 561 22.11 21.95 -26.71
N THR A 562 23.27 21.94 -27.34
CA THR A 562 23.34 22.48 -28.69
C THR A 562 22.61 21.59 -29.70
N ASN A 563 22.58 20.27 -29.47
CA ASN A 563 22.10 19.34 -30.48
C ASN A 563 20.68 18.84 -30.28
N LEU A 564 20.05 19.15 -29.15
CA LEU A 564 18.75 18.59 -28.77
C LEU A 564 17.73 19.68 -28.62
N LYS A 565 17.82 20.68 -29.49
CA LYS A 565 16.90 21.80 -29.41
C LYS A 565 15.55 21.46 -30.03
N GLU A 566 15.55 20.60 -31.06
CA GLU A 566 14.36 20.34 -31.87
C GLU A 566 13.23 19.73 -31.06
N ASN A 567 13.49 19.44 -29.78
CA ASN A 567 12.42 18.98 -28.90
C ASN A 567 12.54 19.60 -27.52
N ASN A 568 11.38 20.00 -26.99
CA ASN A 568 11.28 20.57 -25.64
C ASN A 568 11.87 19.67 -24.57
N LYS A 569 11.95 18.36 -24.81
CA LYS A 569 12.22 17.40 -23.74
C LYS A 569 13.58 17.63 -23.10
N PHE A 570 14.51 18.28 -23.79
CA PHE A 570 15.75 18.72 -23.16
C PHE A 570 15.62 20.17 -22.78
N THR A 571 16.05 20.50 -21.58
CA THR A 571 16.02 21.88 -21.10
C THR A 571 17.30 22.16 -20.34
N PRO A 572 18.10 23.14 -20.74
CA PRO A 572 19.27 23.50 -19.92
C PRO A 572 18.81 24.15 -18.63
N ALA A 573 19.70 24.10 -17.63
CA ALA A 573 19.40 24.60 -16.30
C ALA A 573 19.68 26.09 -16.22
N LYS A 574 18.77 26.82 -15.60
CA LYS A 574 19.02 28.25 -15.43
C LYS A 574 20.15 28.50 -14.45
N VAL A 575 20.23 27.71 -13.38
CA VAL A 575 21.23 27.87 -12.33
C VAL A 575 22.29 26.80 -12.52
N ALA A 576 23.54 27.24 -12.75
CA ALA A 576 24.70 26.36 -12.94
C ALA A 576 24.62 25.61 -14.28
N SER A 577 24.27 26.34 -15.35
CA SER A 577 23.98 25.73 -16.63
C SER A 577 25.13 24.90 -17.20
N ASN A 578 26.34 25.02 -16.64
CA ASN A 578 27.52 24.40 -17.22
C ASN A 578 27.57 22.89 -16.99
N LYS A 579 27.09 22.43 -15.82
CA LYS A 579 27.16 21.02 -15.45
C LYS A 579 25.83 20.52 -14.88
N ASN A 580 24.72 21.14 -15.26
CA ASN A 580 23.39 20.68 -14.89
C ASN A 580 22.47 20.76 -16.10
N PHE A 581 21.46 19.89 -16.12
CA PHE A 581 20.43 19.93 -17.17
C PHE A 581 19.15 19.28 -16.67
N ILE A 582 18.09 19.44 -17.45
CA ILE A 582 16.76 19.03 -17.03
C ILE A 582 16.10 18.29 -18.19
N ILE A 583 15.37 17.23 -17.85
CA ILE A 583 14.61 16.44 -18.80
C ILE A 583 13.15 16.56 -18.40
N GLN A 584 12.26 16.64 -19.39
CA GLN A 584 10.83 16.69 -19.15
C GLN A 584 10.28 15.26 -19.18
N HIS A 585 10.46 14.55 -18.06
CA HIS A 585 9.98 13.18 -17.93
C HIS A 585 8.45 13.20 -17.89
N THR A 586 7.86 12.05 -18.21
CA THR A 586 6.40 11.93 -18.20
C THR A 586 5.80 12.47 -16.92
N ILE A 587 6.50 12.34 -15.79
CA ILE A 587 5.97 12.79 -14.50
C ILE A 587 6.40 14.20 -14.15
N GLY A 588 7.14 14.86 -15.02
CA GLY A 588 7.51 16.24 -14.81
C GLY A 588 9.00 16.42 -14.95
N PRO A 589 9.45 17.66 -14.83
CA PRO A 589 10.87 17.96 -14.99
C PRO A 589 11.69 17.34 -13.87
N ILE A 590 12.85 16.79 -14.25
CA ILE A 590 13.81 16.23 -13.31
C ILE A 590 15.18 16.80 -13.63
N GLN A 591 15.89 17.25 -12.59
CA GLN A 591 17.17 17.93 -12.74
C GLN A 591 18.30 16.98 -12.42
N TYR A 592 19.22 16.82 -13.37
CA TYR A 592 20.39 15.97 -13.20
C TYR A 592 21.65 16.82 -13.15
N CYS A 593 22.64 16.32 -12.41
CA CYS A 593 23.97 16.90 -12.34
C CYS A 593 24.92 16.01 -13.10
N ALA A 594 25.54 16.55 -14.14
CA ALA A 594 26.49 15.84 -14.97
C ALA A 594 27.85 15.67 -14.30
N GLU A 595 28.05 16.28 -13.14
CA GLU A 595 29.31 16.09 -12.43
C GLU A 595 29.60 14.60 -12.30
N SER A 596 30.79 14.22 -12.73
CA SER A 596 31.30 12.86 -12.63
C SER A 596 30.61 11.90 -13.60
N PHE A 597 29.67 12.36 -14.43
CA PHE A 597 29.06 11.46 -15.40
C PHE A 597 30.12 10.65 -16.14
N LEU A 598 31.13 11.30 -16.71
CA LEU A 598 32.10 10.54 -17.50
C LEU A 598 32.88 9.59 -16.60
N LEU A 599 33.11 10.00 -15.35
CA LEU A 599 33.82 9.11 -14.44
C LEU A 599 33.00 7.86 -14.18
N LYS A 600 31.79 8.04 -13.65
CA LYS A 600 30.91 6.90 -13.36
C LYS A 600 30.69 6.05 -14.60
N ASN A 601 30.56 6.66 -15.77
CA ASN A 601 30.28 5.85 -16.95
C ASN A 601 31.43 4.95 -17.34
N LYS A 602 32.67 5.30 -16.95
CA LYS A 602 33.85 4.54 -17.31
C LYS A 602 34.29 3.59 -16.19
N ASP A 603 33.54 3.56 -15.08
CA ASP A 603 33.92 2.77 -13.92
C ASP A 603 33.72 1.28 -14.16
N VAL A 604 34.51 0.73 -15.08
CA VAL A 604 34.49 -0.68 -15.42
C VAL A 604 35.94 -1.13 -15.42
N LEU A 605 36.23 -2.15 -14.62
CA LEU A 605 37.57 -2.75 -14.64
C LEU A 605 37.86 -3.22 -16.05
N ARG A 606 38.96 -2.75 -16.61
CA ARG A 606 39.35 -3.23 -17.94
C ARG A 606 40.85 -3.45 -17.94
N GLY A 607 41.35 -3.98 -19.04
CA GLY A 607 42.76 -3.96 -19.29
C GLY A 607 43.45 -5.14 -18.67
N ASP A 608 44.73 -4.95 -18.30
CA ASP A 608 45.57 -6.06 -17.89
C ASP A 608 45.14 -6.67 -16.55
N LEU A 609 44.61 -5.86 -15.62
CA LEU A 609 44.06 -6.42 -14.39
C LEU A 609 43.07 -7.54 -14.70
N VAL A 610 42.13 -7.31 -15.60
CA VAL A 610 41.18 -8.39 -15.91
C VAL A 610 41.90 -9.64 -16.40
N GLU A 611 43.07 -9.50 -17.01
CA GLU A 611 43.74 -10.69 -17.53
C GLU A 611 44.47 -11.44 -16.43
N VAL A 612 44.90 -10.71 -15.40
CA VAL A 612 45.47 -11.37 -14.23
C VAL A 612 44.41 -12.18 -13.49
N ILE A 613 43.21 -11.63 -13.37
CA ILE A 613 42.17 -12.36 -12.67
C ILE A 613 41.82 -13.61 -13.43
N LYS A 614 41.68 -13.50 -14.75
CA LYS A 614 41.31 -14.65 -15.57
C LYS A 614 42.36 -15.73 -15.49
N ASP A 615 43.60 -15.38 -15.15
CA ASP A 615 44.66 -16.37 -15.04
C ASP A 615 44.72 -17.02 -13.67
N SER A 616 43.74 -16.77 -12.80
CA SER A 616 43.77 -17.43 -11.50
C SER A 616 43.71 -18.93 -11.69
N PRO A 617 44.42 -19.69 -10.85
CA PRO A 617 44.29 -21.14 -10.93
C PRO A 617 42.95 -21.65 -10.43
N ASN A 618 42.18 -20.83 -9.69
CA ASN A 618 40.89 -21.28 -9.13
C ASN A 618 39.78 -21.19 -10.18
N PRO A 619 39.03 -22.27 -10.39
CA PRO A 619 38.07 -22.24 -11.49
C PRO A 619 36.96 -21.21 -11.35
N ILE A 620 36.49 -20.96 -10.13
CA ILE A 620 35.47 -19.93 -9.96
C ILE A 620 36.03 -18.57 -10.29
N VAL A 621 37.23 -18.24 -9.81
CA VAL A 621 37.76 -16.90 -10.08
C VAL A 621 38.04 -16.72 -11.57
N GLN A 622 38.46 -17.78 -12.27
CA GLN A 622 38.63 -17.67 -13.73
C GLN A 622 37.36 -17.27 -14.44
N GLN A 623 36.20 -17.70 -13.92
CA GLN A 623 34.91 -17.49 -14.56
C GLN A 623 34.32 -16.11 -14.25
N LEU A 624 34.83 -15.44 -13.22
CA LEU A 624 34.26 -14.14 -12.84
C LEU A 624 34.20 -13.19 -14.02
N PHE A 625 35.28 -13.13 -14.81
CA PHE A 625 35.39 -12.23 -15.95
C PHE A 625 35.39 -12.98 -17.27
N GLU A 626 34.96 -14.25 -17.26
CA GLU A 626 34.95 -15.10 -18.45
C GLU A 626 34.48 -14.34 -19.69
N GLY A 627 35.31 -14.38 -20.74
CA GLY A 627 34.94 -13.85 -22.04
C GLY A 627 35.03 -12.35 -22.22
N GLN A 628 35.47 -11.60 -21.20
CA GLN A 628 35.61 -10.16 -21.35
C GLN A 628 36.70 -9.81 -22.40
N VAL A 629 36.38 -8.85 -23.28
CA VAL A 629 37.31 -8.42 -24.32
C VAL A 629 38.46 -7.63 -23.71
N ILE A 630 39.65 -7.79 -24.28
CA ILE A 630 40.84 -7.12 -23.75
C ILE A 630 40.91 -5.69 -24.27
N GLU A 631 41.37 -4.77 -23.40
CA GLU A 631 41.58 -3.38 -23.77
C GLU A 631 42.82 -2.79 -23.08
N ILE A 635 39.88 2.76 -24.69
CA ILE A 635 38.58 2.52 -24.07
C ILE A 635 37.49 2.35 -25.12
N ALA A 636 36.79 1.22 -25.08
CA ALA A 636 35.77 0.91 -26.08
C ALA A 636 34.38 0.98 -25.45
N LYS A 637 33.36 1.19 -26.28
CA LYS A 637 32.01 1.42 -25.76
C LYS A 637 31.44 0.16 -25.12
N GLY A 638 31.88 -1.02 -25.57
CA GLY A 638 31.52 -2.26 -24.90
C GLY A 638 31.91 -2.33 -23.44
N SER A 639 32.72 -1.39 -22.96
CA SER A 639 33.06 -1.33 -21.54
C SER A 639 32.39 -0.15 -20.83
N LEU A 640 31.49 0.56 -21.50
CA LEU A 640 30.86 1.73 -20.90
C LEU A 640 29.54 1.31 -20.26
N ILE A 641 29.32 1.74 -19.02
CA ILE A 641 28.11 1.37 -18.32
C ILE A 641 26.88 1.81 -19.11
N GLY A 642 26.87 3.05 -19.58
CA GLY A 642 25.69 3.52 -20.28
C GLY A 642 25.41 2.75 -21.57
N SER A 643 26.45 2.33 -22.25
CA SER A 643 26.27 1.59 -23.50
C SER A 643 25.84 0.16 -23.22
N GLN A 644 26.45 -0.47 -22.22
CA GLN A 644 26.00 -1.78 -21.82
C GLN A 644 24.58 -1.72 -21.27
N PHE A 645 24.25 -0.67 -20.51
CA PHE A 645 22.94 -0.61 -19.89
C PHE A 645 21.84 -0.53 -20.93
N LEU A 646 22.04 0.27 -21.98
CA LEU A 646 20.99 0.40 -22.98
C LEU A 646 20.77 -0.89 -23.74
N ASN A 647 21.84 -1.67 -23.95
CA ASN A 647 21.67 -2.98 -24.58
C ASN A 647 20.83 -3.90 -23.68
N GLN A 648 21.19 -4.00 -22.41
CA GLN A 648 20.37 -4.72 -21.45
C GLN A 648 18.92 -4.27 -21.49
N LEU A 649 18.69 -2.96 -21.45
CA LEU A 649 17.32 -2.48 -21.35
C LEU A 649 16.52 -2.87 -22.58
N THR A 650 17.06 -2.58 -23.76
CA THR A 650 16.37 -2.93 -25.00
C THR A 650 16.07 -4.42 -25.06
N SER A 651 17.05 -5.24 -24.71
CA SER A 651 16.76 -6.67 -24.69
C SER A 651 15.64 -6.97 -23.70
N LEU A 652 15.68 -6.36 -22.51
CA LEU A 652 14.67 -6.67 -21.49
C LEU A 652 13.27 -6.26 -21.93
N MET A 653 13.15 -5.08 -22.57
CA MET A 653 11.83 -4.61 -22.98
C MET A 653 11.27 -5.36 -24.17
N ASN A 654 12.13 -5.83 -25.07
CA ASN A 654 11.62 -6.65 -26.15
C ASN A 654 10.94 -7.87 -25.58
N LEU A 655 11.57 -8.51 -24.60
CA LEU A 655 10.99 -9.61 -23.86
C LEU A 655 9.69 -9.21 -23.17
N ILE A 656 9.70 -8.11 -22.41
CA ILE A 656 8.50 -7.73 -21.66
C ILE A 656 7.37 -7.37 -22.61
N ASN A 657 7.69 -6.68 -23.71
CA ASN A 657 6.65 -6.25 -24.66
C ASN A 657 6.02 -7.41 -25.39
N SER A 658 6.72 -8.55 -25.45
CA SER A 658 6.11 -9.74 -25.99
C SER A 658 5.16 -10.42 -25.00
N THR A 659 4.93 -9.86 -23.81
CA THR A 659 4.07 -10.50 -22.81
C THR A 659 2.87 -9.63 -22.49
N GLU A 660 1.93 -10.22 -21.78
CA GLU A 660 0.81 -9.48 -21.19
C GLU A 660 1.25 -8.92 -19.86
N PRO A 661 1.28 -7.61 -19.69
CA PRO A 661 1.80 -7.02 -18.46
C PRO A 661 0.75 -6.87 -17.38
N HIS A 662 1.24 -6.93 -16.14
CA HIS A 662 0.51 -6.63 -14.91
C HIS A 662 1.34 -5.65 -14.12
N PHE A 663 0.69 -4.71 -13.44
CA PHE A 663 1.36 -3.57 -12.85
C PHE A 663 1.02 -3.52 -11.37
N ILE A 664 2.00 -3.73 -10.50
CA ILE A 664 1.82 -3.49 -9.08
C ILE A 664 2.60 -2.25 -8.67
N ARG A 665 1.89 -1.28 -8.08
CA ARG A 665 2.40 0.05 -7.84
C ARG A 665 2.41 0.22 -6.33
N CYS A 666 3.59 0.20 -5.72
CA CYS A 666 3.67 0.17 -4.26
C CYS A 666 3.83 1.57 -3.72
N ILE A 667 3.23 1.84 -2.55
CA ILE A 667 3.26 3.16 -1.92
C ILE A 667 3.81 3.01 -0.51
N LYS A 668 4.77 3.86 -0.14
CA LYS A 668 5.26 4.03 1.21
C LYS A 668 4.48 5.14 1.89
N PRO A 669 3.72 4.89 2.96
CA PRO A 669 2.77 5.91 3.44
C PRO A 669 3.38 6.90 4.41
N ASN A 670 4.56 6.62 4.91
CA ASN A 670 5.26 7.56 5.76
C ASN A 670 6.73 7.19 5.73
N GLU A 671 7.56 8.14 6.17
CA GLU A 671 9.02 7.97 6.17
C GLU A 671 9.55 7.56 7.53
N ASN A 672 8.68 7.06 8.39
CA ASN A 672 9.11 6.63 9.72
C ASN A 672 9.01 5.13 9.93
N LYS A 673 8.79 4.37 8.89
CA LYS A 673 8.68 2.91 8.98
C LYS A 673 7.64 2.47 9.98
N LYS A 674 6.54 3.21 10.05
CA LYS A 674 5.58 2.93 11.08
C LYS A 674 4.29 2.45 10.47
N PRO A 675 3.52 1.66 11.20
CA PRO A 675 2.17 1.30 10.75
C PRO A 675 1.13 2.36 11.11
N LEU A 676 0.03 2.34 10.39
CA LEU A 676 -1.10 3.25 10.67
C LEU A 676 -0.66 4.70 10.82
N GLU A 677 0.21 5.16 9.93
CA GLU A 677 0.62 6.55 9.90
C GLU A 677 0.62 6.98 8.43
N TRP A 678 -0.11 8.03 8.13
CA TRP A 678 -0.47 8.43 6.77
C TRP A 678 -0.02 9.85 6.47
N CYS A 679 1.02 10.00 5.67
CA CYS A 679 1.50 11.34 5.31
C CYS A 679 0.97 11.78 3.95
N GLU A 680 -0.02 12.63 3.94
CA GLU A 680 -0.76 12.85 2.69
C GLU A 680 0.11 13.47 1.62
N PRO A 681 1.03 14.39 1.93
CA PRO A 681 1.85 14.95 0.84
C PRO A 681 2.77 13.92 0.24
N LYS A 682 3.37 13.02 1.03
CA LYS A 682 4.25 12.03 0.45
C LYS A 682 3.45 11.03 -0.37
N ILE A 683 2.26 10.68 0.10
CA ILE A 683 1.46 9.74 -0.65
C ILE A 683 1.00 10.36 -1.97
N LEU A 684 0.58 11.62 -1.93
CA LEU A 684 0.08 12.23 -3.15
C LEU A 684 1.21 12.32 -4.18
N ILE A 685 2.41 12.59 -3.73
CA ILE A 685 3.52 12.64 -4.67
C ILE A 685 3.70 11.29 -5.34
N GLN A 686 3.46 10.20 -4.61
CA GLN A 686 3.58 8.87 -5.21
C GLN A 686 2.38 8.52 -6.09
N LEU A 687 1.18 8.94 -5.71
CA LEU A 687 0.03 8.74 -6.60
C LEU A 687 0.37 9.28 -7.98
N HIS A 688 1.10 10.37 -8.02
CA HIS A 688 1.43 11.02 -9.27
C HIS A 688 2.55 10.28 -9.98
N ALA A 689 3.64 9.97 -9.27
CA ALA A 689 4.78 9.34 -9.91
C ALA A 689 4.48 7.93 -10.36
N LEU A 690 3.41 7.30 -9.86
CA LEU A 690 2.99 5.95 -10.25
C LEU A 690 1.88 5.96 -11.28
N SER A 691 1.45 7.11 -11.73
CA SER A 691 0.40 7.18 -12.75
C SER A 691 -0.92 6.59 -12.27
N ILE A 692 -1.19 6.65 -10.96
CA ILE A 692 -2.48 6.19 -10.47
C ILE A 692 -3.57 7.21 -10.77
N LEU A 693 -3.32 8.48 -10.55
CA LEU A 693 -4.31 9.49 -10.93
C LEU A 693 -4.57 9.45 -12.42
N GLU A 694 -3.51 9.38 -13.21
CA GLU A 694 -3.63 9.26 -14.67
C GLU A 694 -4.40 8.02 -15.08
N ALA A 695 -4.23 6.90 -14.37
CA ALA A 695 -4.94 5.70 -14.79
C ALA A 695 -6.45 5.88 -14.65
N LEU A 696 -6.86 6.64 -13.66
CA LEU A 696 -8.27 6.95 -13.49
C LEU A 696 -8.74 7.76 -14.66
N VAL A 697 -8.04 8.84 -14.95
CA VAL A 697 -8.39 9.64 -16.11
C VAL A 697 -8.50 8.75 -17.35
N LEU A 698 -7.44 8.05 -17.68
CA LEU A 698 -7.43 7.22 -18.87
C LEU A 698 -8.68 6.35 -18.97
N ARG A 699 -9.08 5.75 -17.86
CA ARG A 699 -10.18 4.79 -17.92
C ARG A 699 -11.50 5.51 -18.14
N GLN A 700 -11.66 6.69 -17.55
CA GLN A 700 -12.92 7.44 -17.62
C GLN A 700 -13.20 7.99 -19.00
N LEU A 701 -12.20 8.08 -19.86
CA LEU A 701 -12.34 8.77 -21.14
C LEU A 701 -13.18 8.01 -22.14
N GLY A 702 -13.77 8.74 -23.08
CA GLY A 702 -14.56 8.03 -24.05
C GLY A 702 -15.72 7.25 -23.44
N TYR A 703 -16.11 6.18 -24.12
CA TYR A 703 -17.28 5.39 -23.76
C TYR A 703 -16.85 4.34 -22.75
N SER A 704 -16.58 4.81 -21.53
CA SER A 704 -15.97 4.00 -20.50
C SER A 704 -16.91 3.06 -19.78
N TYR A 705 -18.22 3.21 -19.95
CA TYR A 705 -19.22 2.33 -19.33
C TYR A 705 -19.74 1.35 -20.39
N ARG A 706 -19.60 0.05 -20.16
CA ARG A 706 -20.06 -0.98 -21.08
C ARG A 706 -20.85 -2.01 -20.32
N ARG A 707 -22.01 -2.41 -20.84
CA ARG A 707 -22.80 -3.47 -20.25
C ARG A 707 -23.53 -4.21 -21.36
N THR A 708 -23.68 -5.52 -21.19
CA THR A 708 -24.50 -6.31 -22.09
C THR A 708 -25.95 -5.81 -22.10
N PHE A 709 -26.64 -6.09 -23.19
CA PHE A 709 -28.01 -5.60 -23.30
C PHE A 709 -28.82 -5.96 -22.07
N GLU A 710 -28.69 -7.19 -21.57
CA GLU A 710 -29.50 -7.60 -20.43
C GLU A 710 -28.94 -7.10 -19.11
N GLU A 711 -27.64 -6.80 -19.05
CA GLU A 711 -27.12 -6.06 -17.90
C GLU A 711 -27.70 -4.64 -17.85
N PHE A 712 -27.57 -3.90 -18.96
CA PHE A 712 -28.19 -2.58 -19.06
C PHE A 712 -29.64 -2.63 -18.62
N LEU A 713 -30.36 -3.64 -19.08
CA LEU A 713 -31.77 -3.69 -18.78
C LEU A 713 -32.02 -4.03 -17.31
N TYR A 714 -31.17 -4.88 -16.72
CA TYR A 714 -31.33 -5.21 -15.30
C TYR A 714 -30.99 -4.02 -14.44
N GLN A 715 -30.16 -3.12 -14.96
CA GLN A 715 -29.70 -1.95 -14.25
C GLN A 715 -30.56 -0.71 -14.46
N TYR A 716 -31.24 -0.61 -15.59
CA TYR A 716 -31.90 0.62 -15.99
C TYR A 716 -33.33 0.36 -16.42
N LYS A 717 -33.96 -0.69 -15.87
CA LYS A 717 -35.36 -1.01 -16.20
C LYS A 717 -36.23 0.24 -16.13
N PHE A 718 -36.14 0.97 -15.00
CA PHE A 718 -37.15 1.98 -14.66
C PHE A 718 -36.90 3.33 -15.31
N VAL A 719 -35.83 3.45 -16.09
CA VAL A 719 -35.69 4.66 -16.90
C VAL A 719 -36.94 4.84 -17.75
N ASP A 720 -37.36 3.78 -18.42
CA ASP A 720 -38.62 3.76 -19.16
C ASP A 720 -39.15 2.33 -19.01
N ILE A 721 -39.83 2.08 -17.89
CA ILE A 721 -40.25 0.73 -17.55
C ILE A 721 -41.13 0.13 -18.64
N ALA A 722 -41.85 0.97 -19.40
CA ALA A 722 -42.67 0.48 -20.51
C ALA A 722 -41.79 -0.21 -21.56
N ALA A 723 -40.87 0.55 -22.17
CA ALA A 723 -40.02 0.02 -23.22
C ALA A 723 -39.21 -1.18 -22.73
N ALA A 724 -38.96 -1.24 -21.43
CA ALA A 724 -38.09 -2.30 -20.91
C ALA A 724 -38.84 -3.62 -20.72
N GLU A 725 -40.16 -3.56 -20.50
CA GLU A 725 -40.99 -4.74 -20.30
C GLU A 725 -41.88 -5.03 -21.52
N ASP A 726 -41.44 -4.67 -22.71
CA ASP A 726 -42.15 -5.00 -23.94
C ASP A 726 -41.60 -6.29 -24.51
N SER A 727 -42.40 -7.38 -24.43
CA SER A 727 -41.94 -8.69 -24.91
C SER A 727 -41.83 -8.75 -26.43
N SER A 728 -42.45 -7.81 -27.13
CA SER A 728 -42.43 -7.82 -28.59
C SER A 728 -41.04 -7.47 -29.13
N VAL A 729 -40.35 -6.53 -28.50
CA VAL A 729 -39.09 -6.02 -29.02
C VAL A 729 -37.92 -6.78 -28.39
N GLU A 730 -36.83 -6.89 -29.16
CA GLU A 730 -35.66 -7.67 -28.78
C GLU A 730 -34.76 -6.88 -27.84
N ASN A 731 -33.91 -7.60 -27.09
CA ASN A 731 -33.12 -6.95 -26.05
C ASN A 731 -32.30 -5.79 -26.59
N GLN A 732 -31.52 -6.03 -27.64
CA GLN A 732 -30.79 -4.94 -28.26
C GLN A 732 -31.71 -3.78 -28.64
N ASN A 733 -32.93 -4.08 -29.07
CA ASN A 733 -33.81 -2.99 -29.50
C ASN A 733 -34.43 -2.27 -28.33
N LYS A 734 -34.63 -2.97 -27.21
CA LYS A 734 -35.12 -2.32 -25.99
C LYS A 734 -34.15 -1.25 -25.53
N CYS A 735 -32.86 -1.57 -25.53
CA CYS A 735 -31.86 -0.59 -25.12
C CYS A 735 -31.96 0.66 -25.98
N VAL A 736 -32.08 0.50 -27.30
CA VAL A 736 -32.20 1.67 -28.17
C VAL A 736 -33.44 2.47 -27.81
N ASN A 737 -34.57 1.79 -27.61
CA ASN A 737 -35.79 2.48 -27.23
C ASN A 737 -35.56 3.29 -25.96
N ILE A 738 -35.18 2.60 -24.86
CA ILE A 738 -34.95 3.26 -23.58
C ILE A 738 -34.04 4.48 -23.75
N LEU A 739 -32.90 4.28 -24.41
CA LEU A 739 -31.94 5.38 -24.56
C LEU A 739 -32.54 6.53 -25.36
N LYS A 740 -33.25 6.24 -26.46
CA LYS A 740 -33.87 7.32 -27.25
C LYS A 740 -34.86 8.11 -26.41
N LEU A 741 -35.63 7.44 -25.57
CA LEU A 741 -36.61 8.14 -24.77
C LEU A 741 -36.05 8.74 -23.49
N SER A 742 -34.78 8.49 -23.17
CA SER A 742 -34.24 8.96 -21.90
C SER A 742 -33.95 10.44 -21.92
N GLY A 743 -33.54 10.98 -23.07
CA GLY A 743 -33.09 12.35 -23.14
C GLY A 743 -31.60 12.53 -23.30
N LEU A 744 -30.83 11.44 -23.30
CA LEU A 744 -29.40 11.54 -23.55
C LEU A 744 -29.14 11.98 -24.98
N SER A 745 -28.07 12.75 -25.18
CA SER A 745 -27.68 13.08 -26.54
C SER A 745 -27.06 11.87 -27.24
N GLU A 746 -27.19 11.84 -28.56
CA GLU A 746 -26.60 10.74 -29.33
C GLU A 746 -25.12 10.63 -29.04
N SER A 747 -24.49 11.76 -28.70
CA SER A 747 -23.06 11.75 -28.42
C SER A 747 -22.69 11.00 -27.15
N MET A 748 -23.66 10.71 -26.29
CA MET A 748 -23.39 10.15 -24.96
C MET A 748 -23.50 8.64 -24.93
N TYR A 749 -23.78 8.00 -26.04
CA TYR A 749 -23.90 6.54 -26.03
C TYR A 749 -23.83 6.01 -27.45
N LYS A 750 -23.40 4.75 -27.55
CA LYS A 750 -23.38 4.01 -28.80
C LYS A 750 -23.78 2.57 -28.50
N ILE A 751 -24.41 1.93 -29.47
CA ILE A 751 -24.89 0.56 -29.35
C ILE A 751 -23.92 -0.33 -30.10
N GLY A 752 -23.28 -1.29 -29.42
CA GLY A 752 -22.39 -2.23 -30.05
C GLY A 752 -23.05 -3.56 -30.40
N LYS A 753 -22.22 -4.45 -30.95
CA LYS A 753 -22.66 -5.81 -31.27
C LYS A 753 -23.42 -6.42 -30.10
N SER A 754 -22.91 -6.29 -28.90
CA SER A 754 -23.46 -7.00 -27.75
C SER A 754 -23.56 -6.13 -26.50
N MET A 755 -23.16 -4.85 -26.57
CA MET A 755 -23.02 -4.03 -25.37
C MET A 755 -23.54 -2.64 -25.66
N VAL A 756 -24.07 -2.01 -24.62
CA VAL A 756 -24.34 -0.58 -24.62
C VAL A 756 -23.09 0.16 -24.15
N PHE A 757 -22.61 1.09 -24.97
CA PHE A 757 -21.50 1.95 -24.60
C PHE A 757 -22.06 3.28 -24.10
N LEU A 758 -21.61 3.71 -22.94
CA LEU A 758 -21.99 4.99 -22.39
C LEU A 758 -20.74 5.77 -21.99
N LYS A 759 -20.77 7.07 -22.19
CA LYS A 759 -19.82 7.95 -21.54
C LYS A 759 -20.16 8.00 -20.06
N GLN A 760 -19.14 8.25 -19.23
CA GLN A 760 -19.39 8.28 -17.79
C GLN A 760 -20.51 9.27 -17.48
N GLU A 761 -20.40 10.50 -17.99
CA GLU A 761 -21.46 11.47 -17.76
C GLU A 761 -22.81 10.91 -18.20
N GLY A 762 -22.83 10.17 -19.31
CA GLY A 762 -24.11 9.62 -19.77
C GLY A 762 -24.68 8.63 -18.78
N ALA A 763 -23.81 7.83 -18.17
CA ALA A 763 -24.30 6.84 -17.22
C ALA A 763 -24.79 7.49 -15.93
N LYS A 764 -24.14 8.57 -15.50
CA LYS A 764 -24.59 9.30 -14.32
C LYS A 764 -25.92 9.98 -14.56
N ILE A 765 -26.13 10.54 -15.76
CA ILE A 765 -27.43 11.14 -16.06
C ILE A 765 -28.51 10.07 -16.01
N LEU A 766 -28.26 8.95 -16.71
CA LEU A 766 -29.25 7.88 -16.76
C LEU A 766 -29.57 7.36 -15.36
N THR A 767 -28.59 7.40 -14.46
CA THR A 767 -28.84 6.96 -13.10
C THR A 767 -29.80 7.93 -12.40
N LYS A 768 -29.55 9.22 -12.54
CA LYS A 768 -30.49 10.21 -11.99
C LYS A 768 -31.87 10.09 -12.63
N ILE A 769 -31.92 9.84 -13.94
CA ILE A 769 -33.21 9.73 -14.62
C ILE A 769 -34.01 8.59 -14.01
N GLN A 770 -33.36 7.44 -13.79
CA GLN A 770 -34.08 6.29 -13.23
C GLN A 770 -34.59 6.60 -11.82
N ARG A 771 -33.75 7.19 -10.99
CA ARG A 771 -34.17 7.58 -9.66
C ARG A 771 -35.37 8.53 -9.70
N GLU A 772 -35.39 9.49 -10.64
CA GLU A 772 -36.54 10.39 -10.75
C GLU A 772 -37.83 9.62 -11.03
N LYS A 773 -37.76 8.60 -11.87
CA LYS A 773 -38.94 7.81 -12.17
C LYS A 773 -39.39 6.97 -10.98
N LEU A 774 -38.56 6.86 -9.94
CA LEU A 774 -38.87 6.02 -8.79
C LEU A 774 -39.07 6.85 -7.53
N VAL A 775 -39.45 8.13 -7.68
CA VAL A 775 -39.45 9.08 -6.57
C VAL A 775 -40.37 8.65 -5.43
N GLU A 776 -41.44 7.92 -5.74
CA GLU A 776 -42.39 7.49 -4.71
C GLU A 776 -41.87 6.35 -3.85
N TRP A 777 -40.71 5.79 -4.17
CA TRP A 777 -40.05 4.83 -3.28
C TRP A 777 -38.97 5.46 -2.42
N GLU A 778 -38.67 6.75 -2.61
CA GLU A 778 -37.54 7.35 -1.91
C GLU A 778 -37.66 7.18 -0.40
N ASN A 779 -38.87 7.40 0.14
CA ASN A 779 -39.03 7.42 1.60
C ASN A 779 -39.02 6.01 2.15
N CYS A 780 -39.73 5.11 1.46
CA CYS A 780 -39.72 3.70 1.80
C CYS A 780 -38.29 3.14 1.80
N VAL A 781 -37.53 3.41 0.75
CA VAL A 781 -36.18 2.86 0.70
C VAL A 781 -35.28 3.49 1.73
N SER A 782 -35.43 4.80 1.95
CA SER A 782 -34.63 5.50 2.97
C SER A 782 -34.82 4.85 4.34
N VAL A 783 -36.06 4.54 4.72
CA VAL A 783 -36.33 4.01 6.06
C VAL A 783 -35.86 2.57 6.18
N ILE A 784 -36.12 1.76 5.16
CA ILE A 784 -35.60 0.40 5.15
C ILE A 784 -34.08 0.41 5.28
N GLU A 785 -33.42 1.22 4.47
CA GLU A 785 -31.95 1.28 4.53
C GLU A 785 -31.48 1.67 5.93
N ALA A 786 -31.99 2.79 6.44
CA ALA A 786 -31.51 3.29 7.72
C ALA A 786 -31.74 2.29 8.83
N ALA A 787 -32.87 1.58 8.79
CA ALA A 787 -33.19 0.64 9.85
C ALA A 787 -32.25 -0.55 9.81
N ILE A 788 -31.87 -0.97 8.60
CA ILE A 788 -30.92 -2.07 8.49
C ILE A 788 -29.53 -1.64 8.92
N LEU A 789 -29.16 -0.39 8.63
CA LEU A 789 -27.84 0.08 9.02
C LEU A 789 -27.72 0.17 10.52
N LYS A 790 -28.80 0.59 11.19
CA LYS A 790 -28.79 0.60 12.64
C LYS A 790 -28.57 -0.81 13.20
N HIS A 791 -29.25 -1.78 12.61
CA HIS A 791 -29.02 -3.16 12.98
C HIS A 791 -27.58 -3.58 12.72
N LYS A 792 -27.07 -3.26 11.54
CA LYS A 792 -25.67 -3.54 11.27
C LYS A 792 -24.75 -2.90 12.33
N TYR A 793 -24.99 -1.63 12.67
CA TYR A 793 -24.06 -0.96 13.56
C TYR A 793 -24.12 -1.60 14.93
N LYS A 794 -25.29 -2.11 15.30
CA LYS A 794 -25.45 -2.76 16.60
C LYS A 794 -24.78 -4.11 16.62
N GLN A 795 -24.85 -4.86 15.51
CA GLN A 795 -24.17 -6.15 15.51
C GLN A 795 -22.67 -6.00 15.69
N LYS A 796 -22.09 -4.94 15.11
CA LYS A 796 -20.66 -4.69 15.26
C LYS A 796 -20.32 -4.39 16.71
N VAL A 797 -21.20 -3.68 17.40
CA VAL A 797 -20.98 -3.42 18.81
C VAL A 797 -21.04 -4.73 19.58
N ASN A 798 -22.02 -5.57 19.29
CA ASN A 798 -22.21 -6.78 20.08
C ASN A 798 -20.96 -7.64 20.08
N LYS A 799 -20.18 -7.60 19.01
CA LYS A 799 -18.95 -8.40 18.94
C LYS A 799 -17.99 -7.98 20.05
N ASN A 800 -17.92 -6.67 20.33
CA ASN A 800 -16.93 -6.17 21.27
C ASN A 800 -17.46 -6.06 22.69
N ILE A 801 -18.67 -6.52 22.95
CA ILE A 801 -19.23 -6.38 24.29
C ILE A 801 -18.49 -7.22 25.31
N PRO A 802 -18.14 -8.50 25.02
CA PRO A 802 -17.34 -9.27 26.00
C PRO A 802 -16.09 -8.53 26.48
N SER A 803 -15.39 -7.88 25.54
CA SER A 803 -14.26 -7.02 25.88
C SER A 803 -14.71 -5.90 26.81
N LEU A 804 -15.82 -5.24 26.47
CA LEU A 804 -16.30 -4.15 27.30
C LEU A 804 -16.58 -4.63 28.72
N LEU A 805 -17.17 -5.81 28.86
CA LEU A 805 -17.44 -6.31 30.20
C LEU A 805 -16.17 -6.32 31.01
N ARG A 806 -15.05 -6.69 30.37
CA ARG A 806 -13.76 -6.76 31.07
C ARG A 806 -13.32 -5.38 31.51
N VAL A 807 -13.55 -4.36 30.67
CA VAL A 807 -13.20 -2.99 31.06
C VAL A 807 -14.07 -2.54 32.23
N GLN A 808 -15.39 -2.75 32.13
CA GLN A 808 -16.29 -2.35 33.21
C GLN A 808 -15.96 -3.10 34.49
N ALA A 809 -15.58 -4.38 34.39
CA ALA A 809 -15.24 -5.18 35.57
C ALA A 809 -14.03 -4.61 36.28
N HIS A 810 -12.97 -4.28 35.54
CA HIS A 810 -11.78 -3.76 36.20
C HIS A 810 -12.04 -2.38 36.80
N ILE A 811 -12.96 -1.61 36.22
CA ILE A 811 -13.26 -0.30 36.81
C ILE A 811 -13.89 -0.48 38.18
N ARG A 812 -14.78 -1.49 38.33
CA ARG A 812 -15.45 -1.72 39.60
C ARG A 812 -14.49 -2.35 40.61
N LYS A 813 -13.49 -3.06 40.13
CA LYS A 813 -12.41 -3.50 41.02
C LYS A 813 -11.68 -2.30 41.60
N LYS A 814 -11.22 -1.37 40.75
CA LYS A 814 -10.46 -0.22 41.24
C LYS A 814 -11.32 0.64 42.16
N MET A 815 -12.64 0.60 41.97
CA MET A 815 -13.53 1.33 42.88
C MET A 815 -13.50 0.74 44.28
N VAL A 816 -13.47 -0.59 44.39
CA VAL A 816 -13.33 -1.23 45.68
C VAL A 816 -12.01 -0.84 46.31
N ALA A 817 -10.93 -0.89 45.53
CA ALA A 817 -9.62 -0.49 46.03
C ALA A 817 -9.50 1.03 46.23
N GLN A 818 -10.50 1.65 46.88
N GLN A 818 -10.51 1.66 46.85
CA GLN A 818 -10.50 3.08 47.11
CA GLN A 818 -10.50 3.11 47.07
C GLN A 818 -11.59 3.52 48.09
C GLN A 818 -11.41 3.50 48.25
N GLU B 74 -3.83 -15.92 49.85
CA GLU B 74 -4.44 -17.21 50.19
C GLU B 74 -5.09 -17.21 51.56
N SER B 75 -4.41 -16.61 52.54
CA SER B 75 -5.07 -16.29 53.80
C SER B 75 -5.99 -15.09 53.62
N ASP B 76 -5.60 -14.13 52.77
CA ASP B 76 -6.49 -13.03 52.41
C ASP B 76 -7.82 -13.57 51.92
N VAL B 77 -7.77 -14.58 51.05
CA VAL B 77 -8.98 -15.27 50.63
C VAL B 77 -9.84 -15.63 51.84
N ARG B 78 -9.28 -16.43 52.76
CA ARG B 78 -10.06 -16.89 53.90
C ARG B 78 -10.50 -15.73 54.79
N ILE B 79 -9.59 -14.79 55.05
CA ILE B 79 -9.94 -13.67 55.92
C ILE B 79 -11.15 -12.92 55.35
N TYR B 80 -11.09 -12.56 54.07
CA TYR B 80 -12.17 -11.78 53.46
C TYR B 80 -13.49 -12.56 53.49
N PHE B 81 -13.45 -13.87 53.23
CA PHE B 81 -14.65 -14.69 53.35
C PHE B 81 -15.25 -14.59 54.74
N ASN B 82 -14.41 -14.65 55.78
CA ASN B 82 -14.93 -14.69 57.14
C ASN B 82 -15.55 -13.36 57.51
N GLU B 83 -15.05 -12.25 56.96
CA GLU B 83 -15.68 -10.96 57.27
C GLU B 83 -17.09 -10.87 56.71
N LYS B 84 -17.40 -11.64 55.65
CA LYS B 84 -18.66 -11.55 54.93
C LYS B 84 -19.53 -12.80 55.09
N SER B 85 -19.01 -13.82 55.76
CA SER B 85 -19.74 -15.07 55.90
C SER B 85 -20.91 -14.93 56.88
N SER B 86 -21.93 -15.75 56.64
CA SER B 86 -23.05 -15.88 57.56
C SER B 86 -23.55 -17.32 57.41
N GLY B 87 -23.54 -18.07 58.52
CA GLY B 87 -23.96 -19.46 58.47
C GLY B 87 -23.13 -20.33 57.57
N GLY B 88 -21.85 -20.03 57.41
CA GLY B 88 -20.96 -20.80 56.54
C GLY B 88 -21.04 -20.48 55.07
N LYS B 89 -22.06 -19.75 54.62
CA LYS B 89 -22.23 -19.43 53.21
C LYS B 89 -22.01 -17.93 53.01
N ILE B 90 -21.68 -17.56 51.77
CA ILE B 90 -21.41 -16.18 51.40
C ILE B 90 -22.26 -15.82 50.19
N SER B 91 -22.85 -14.62 50.21
CA SER B 91 -23.66 -14.16 49.10
C SER B 91 -22.77 -13.85 47.90
N ILE B 92 -23.34 -13.99 46.71
CA ILE B 92 -22.57 -13.72 45.50
C ILE B 92 -22.11 -12.27 45.47
N ASP B 93 -22.95 -11.34 45.92
CA ASP B 93 -22.54 -9.94 45.91
C ASP B 93 -21.32 -9.72 46.81
N ASN B 94 -21.25 -10.44 47.94
CA ASN B 94 -20.10 -10.31 48.82
C ASN B 94 -18.89 -11.06 48.26
N ALA B 95 -19.13 -12.20 47.60
CA ALA B 95 -18.03 -12.92 46.95
C ALA B 95 -17.39 -12.08 45.85
N SER B 96 -18.20 -11.34 45.11
CA SER B 96 -17.65 -10.47 44.08
C SER B 96 -16.89 -9.31 44.71
N TYR B 97 -17.39 -8.82 45.83
CA TYR B 97 -16.70 -7.75 46.52
C TYR B 97 -15.37 -8.22 47.05
N ASN B 98 -15.36 -9.40 47.67
CA ASN B 98 -14.09 -9.99 48.05
C ASN B 98 -13.18 -10.11 46.84
N ALA B 99 -13.69 -10.74 45.78
CA ALA B 99 -12.83 -11.06 44.65
C ALA B 99 -12.15 -9.80 44.11
N ARG B 100 -12.79 -8.64 44.27
CA ARG B 100 -12.16 -7.40 43.84
C ARG B 100 -11.11 -6.93 44.85
N LYS B 101 -11.39 -7.11 46.15
CA LYS B 101 -10.40 -6.85 47.19
C LYS B 101 -9.13 -7.64 46.94
N LEU B 102 -9.27 -8.85 46.38
CA LEU B 102 -8.15 -9.69 45.99
C LEU B 102 -7.57 -9.28 44.64
N GLY B 103 -8.08 -8.22 44.04
CA GLY B 103 -7.57 -7.78 42.76
C GLY B 103 -8.11 -8.52 41.55
N LEU B 104 -9.25 -9.20 41.67
CA LEU B 104 -9.91 -9.81 40.52
C LEU B 104 -11.03 -8.91 40.01
N ALA B 105 -11.43 -9.12 38.76
CA ALA B 105 -12.43 -8.27 38.11
C ALA B 105 -13.56 -9.15 37.59
N PRO B 106 -14.50 -9.50 38.46
CA PRO B 106 -15.64 -10.31 38.02
C PRO B 106 -16.66 -9.47 37.29
N SER B 107 -17.41 -10.14 36.41
CA SER B 107 -18.47 -9.54 35.64
C SER B 107 -19.74 -10.36 35.79
N SER B 108 -20.85 -9.81 35.29
CA SER B 108 -22.14 -10.48 35.42
C SER B 108 -22.12 -11.86 34.79
N ILE B 109 -21.29 -12.08 33.78
CA ILE B 109 -21.15 -13.43 33.21
C ILE B 109 -20.61 -14.41 34.26
N ASP B 110 -19.65 -13.96 35.06
CA ASP B 110 -19.07 -14.80 36.09
C ASP B 110 -20.07 -15.07 37.18
N GLU B 111 -20.83 -14.04 37.57
CA GLU B 111 -21.88 -14.20 38.58
C GLU B 111 -23.02 -15.08 38.07
N LYS B 112 -23.33 -15.03 36.79
CA LYS B 112 -24.35 -15.95 36.25
C LYS B 112 -23.87 -17.41 36.28
N LYS B 113 -22.55 -17.64 36.08
CA LYS B 113 -22.02 -18.99 36.04
C LYS B 113 -22.20 -19.68 37.38
N ILE B 114 -21.79 -19.00 38.46
CA ILE B 114 -21.84 -19.58 39.80
C ILE B 114 -23.26 -19.60 40.34
N LYS B 115 -24.14 -18.76 39.81
CA LYS B 115 -25.55 -18.86 40.16
C LYS B 115 -26.17 -20.09 39.55
N GLU B 116 -25.83 -20.40 38.29
CA GLU B 116 -26.39 -21.59 37.67
C GLU B 116 -26.00 -22.85 38.44
N LEU B 117 -24.81 -22.85 39.03
CA LEU B 117 -24.32 -24.06 39.70
C LEU B 117 -24.87 -24.17 41.10
N TYR B 118 -24.77 -23.09 41.90
CA TYR B 118 -24.87 -23.18 43.35
C TYR B 118 -25.88 -22.21 43.96
N GLY B 119 -26.66 -21.52 43.14
CA GLY B 119 -27.59 -20.57 43.68
C GLY B 119 -26.90 -19.29 44.15
N ASP B 120 -27.56 -18.59 45.05
CA ASP B 120 -27.15 -17.25 45.46
C ASP B 120 -26.24 -17.22 46.68
N ASN B 121 -25.96 -18.37 47.30
CA ASN B 121 -25.16 -18.44 48.51
C ASN B 121 -24.24 -19.64 48.45
N LEU B 122 -22.96 -19.40 48.67
CA LEU B 122 -21.93 -20.36 48.36
C LEU B 122 -21.22 -20.86 49.62
N THR B 123 -20.96 -22.16 49.65
CA THR B 123 -20.05 -22.72 50.66
C THR B 123 -18.64 -22.26 50.35
N TYR B 124 -17.78 -22.30 51.37
CA TYR B 124 -16.39 -21.95 51.13
C TYR B 124 -15.85 -22.61 49.87
N GLU B 125 -16.03 -23.93 49.73
CA GLU B 125 -15.47 -24.62 48.57
C GLU B 125 -15.94 -23.97 47.26
N GLN B 126 -17.21 -23.59 47.19
CA GLN B 126 -17.77 -22.96 45.99
C GLN B 126 -17.27 -21.53 45.81
N TYR B 127 -17.06 -20.81 46.92
CA TYR B 127 -16.46 -19.49 46.87
C TYR B 127 -15.06 -19.52 46.28
N LEU B 128 -14.30 -20.58 46.56
CA LEU B 128 -13.00 -20.71 45.92
C LEU B 128 -13.16 -21.01 44.44
N GLU B 129 -14.13 -21.86 44.09
CA GLU B 129 -14.38 -22.13 42.69
C GLU B 129 -14.74 -20.83 41.99
N TYR B 130 -15.52 -19.99 42.64
CA TYR B 130 -15.91 -18.71 42.04
C TYR B 130 -14.69 -17.85 41.80
N LEU B 131 -13.78 -17.78 42.78
CA LEU B 131 -12.56 -17.01 42.59
C LEU B 131 -11.75 -17.54 41.41
N SER B 132 -11.77 -18.85 41.19
CA SER B 132 -11.17 -19.40 39.97
C SER B 132 -11.78 -18.78 38.72
N ILE B 133 -13.11 -18.73 38.63
CA ILE B 133 -13.71 -18.23 37.41
C ILE B 133 -13.27 -16.80 37.14
N CYS B 134 -12.98 -16.05 38.18
CA CYS B 134 -12.73 -14.63 38.08
C CYS B 134 -11.29 -14.26 37.76
N VAL B 135 -10.42 -15.24 37.46
CA VAL B 135 -9.00 -14.93 37.25
C VAL B 135 -8.81 -14.13 35.97
N HIS B 136 -9.34 -14.64 34.86
CA HIS B 136 -9.30 -13.95 33.58
C HIS B 136 -7.85 -13.53 33.24
N ASP B 137 -7.01 -14.56 33.07
CA ASP B 137 -5.62 -14.34 32.67
C ASP B 137 -5.53 -13.68 31.31
N LYS B 138 -6.43 -14.04 30.39
CA LYS B 138 -6.45 -13.49 29.04
C LYS B 138 -6.67 -11.99 29.00
N ASP B 139 -6.91 -11.37 30.16
CA ASP B 139 -7.05 -9.92 30.22
C ASP B 139 -5.73 -9.25 29.93
N ASN B 140 -5.74 -8.29 29.00
CA ASN B 140 -4.57 -7.47 28.67
C ASN B 140 -5.06 -6.22 27.93
N VAL B 141 -4.17 -5.24 27.80
CA VAL B 141 -4.54 -4.00 27.13
C VAL B 141 -5.23 -4.29 25.80
N GLU B 142 -4.75 -5.29 25.07
CA GLU B 142 -5.26 -5.53 23.71
C GLU B 142 -6.69 -6.06 23.74
N GLU B 143 -7.04 -6.85 24.76
CA GLU B 143 -8.38 -7.42 24.82
C GLU B 143 -9.38 -6.41 25.38
N LEU B 144 -8.94 -5.52 26.25
CA LEU B 144 -9.83 -4.52 26.82
C LEU B 144 -10.16 -3.37 25.86
N ILE B 145 -9.24 -3.00 24.96
CA ILE B 145 -9.47 -1.78 24.19
C ILE B 145 -10.41 -1.97 23.01
N LYS B 146 -10.84 -3.21 22.74
CA LYS B 146 -11.53 -3.53 21.49
C LYS B 146 -12.67 -2.57 21.21
N MET B 147 -13.53 -2.37 22.20
CA MET B 147 -14.69 -1.54 21.97
C MET B 147 -14.30 -0.07 21.79
N PHE B 148 -13.27 0.40 22.48
CA PHE B 148 -12.88 1.79 22.27
C PHE B 148 -12.27 1.98 20.90
N ALA B 149 -11.48 1.00 20.43
CA ALA B 149 -10.87 1.09 19.11
C ALA B 149 -11.94 1.07 18.04
N HIS B 150 -12.98 0.28 18.27
CA HIS B 150 -14.07 0.19 17.31
C HIS B 150 -14.65 1.55 16.96
N PHE B 151 -14.72 2.46 17.93
CA PHE B 151 -15.29 3.78 17.66
C PHE B 151 -14.25 4.81 17.28
N ASP B 152 -12.98 4.42 17.18
CA ASP B 152 -11.85 5.34 16.91
C ASP B 152 -11.58 5.27 15.40
N ASN B 153 -12.40 5.96 14.64
CA ASN B 153 -12.43 5.72 13.21
C ASN B 153 -11.13 6.17 12.52
N ASN B 154 -10.57 7.31 12.93
CA ASN B 154 -9.34 7.82 12.33
C ASN B 154 -8.10 7.18 12.94
N CYS B 155 -8.29 6.22 13.84
CA CYS B 155 -7.17 5.50 14.44
C CYS B 155 -6.17 6.46 15.05
N THR B 156 -6.65 7.35 15.93
CA THR B 156 -5.73 8.24 16.64
C THR B 156 -5.22 7.65 17.94
N GLY B 157 -5.84 6.59 18.43
CA GLY B 157 -5.56 6.11 19.78
C GLY B 157 -6.29 6.86 20.89
N TYR B 158 -7.02 7.93 20.57
CA TYR B 158 -7.73 8.73 21.56
C TYR B 158 -9.23 8.66 21.34
N LEU B 159 -9.97 8.78 22.44
CA LEU B 159 -11.40 9.12 22.39
C LEU B 159 -11.64 10.26 23.37
N THR B 160 -12.68 11.07 23.12
CA THR B 160 -13.07 12.06 24.12
C THR B 160 -13.66 11.38 25.35
N LYS B 161 -13.76 12.13 26.44
CA LYS B 161 -14.38 11.57 27.64
C LYS B 161 -15.86 11.27 27.40
N SER B 162 -16.52 12.08 26.58
CA SER B 162 -17.94 11.84 26.34
C SER B 162 -18.13 10.53 25.60
N GLN B 163 -17.28 10.27 24.61
CA GLN B 163 -17.39 9.02 23.87
C GLN B 163 -17.23 7.84 24.80
N MET B 164 -16.23 7.88 25.66
CA MET B 164 -16.01 6.73 26.53
C MET B 164 -17.08 6.63 27.60
N LYS B 165 -17.64 7.76 28.03
CA LYS B 165 -18.74 7.76 28.98
C LYS B 165 -19.96 7.08 28.38
N ASN B 166 -20.34 7.46 27.15
CA ASN B 166 -21.51 6.85 26.54
C ASN B 166 -21.30 5.36 26.35
N ILE B 167 -20.08 4.96 26.02
CA ILE B 167 -19.82 3.53 25.80
C ILE B 167 -19.98 2.75 27.10
N LEU B 168 -19.41 3.27 28.20
CA LEU B 168 -19.38 2.57 29.47
C LEU B 168 -20.74 2.54 30.09
N THR B 169 -21.60 3.51 29.75
CA THR B 169 -22.90 3.68 30.38
C THR B 169 -24.02 3.14 29.53
N THR B 170 -23.74 2.61 28.33
CA THR B 170 -24.80 2.14 27.46
C THR B 170 -24.88 0.61 27.35
N TRP B 171 -23.76 -0.06 27.16
CA TRP B 171 -23.74 -1.48 26.82
C TRP B 171 -23.08 -2.24 27.96
N GLY B 172 -23.29 -3.56 27.95
CA GLY B 172 -22.57 -4.43 28.87
C GLY B 172 -23.06 -4.23 30.29
N ASP B 173 -22.14 -4.36 31.25
CA ASP B 173 -22.48 -4.15 32.66
C ASP B 173 -22.39 -2.66 32.94
N ALA B 174 -23.36 -1.94 32.36
CA ALA B 174 -23.25 -0.51 32.25
C ALA B 174 -22.98 0.11 33.60
N LEU B 175 -22.05 1.06 33.63
CA LEU B 175 -21.85 1.90 34.77
C LEU B 175 -22.89 3.01 34.77
N THR B 176 -23.10 3.62 35.93
CA THR B 176 -23.89 4.84 35.95
C THR B 176 -23.07 6.00 35.38
N ASP B 177 -23.76 7.08 34.99
CA ASP B 177 -23.03 8.23 34.46
C ASP B 177 -21.94 8.66 35.42
N GLN B 178 -22.27 8.80 36.71
CA GLN B 178 -21.30 9.31 37.67
C GLN B 178 -20.12 8.36 37.85
N GLU B 179 -20.38 7.06 37.81
CA GLU B 179 -19.28 6.10 37.88
C GLU B 179 -18.36 6.26 36.67
N ALA B 180 -18.93 6.44 35.48
CA ALA B 180 -18.08 6.58 34.31
C ALA B 180 -17.28 7.86 34.38
N ILE B 181 -17.91 8.96 34.75
CA ILE B 181 -17.19 10.22 34.87
C ILE B 181 -16.06 10.08 35.88
N ASP B 182 -16.35 9.55 37.06
CA ASP B 182 -15.32 9.47 38.08
C ASP B 182 -14.13 8.68 37.59
N ALA B 183 -14.38 7.63 36.81
CA ALA B 183 -13.27 6.80 36.36
C ALA B 183 -12.43 7.54 35.31
N LEU B 184 -13.08 8.29 34.42
CA LEU B 184 -12.33 9.00 33.39
C LEU B 184 -11.59 10.18 34.01
N ASN B 185 -12.28 10.94 34.86
CA ASN B 185 -11.71 12.12 35.50
C ASN B 185 -10.56 11.77 36.43
N ALA B 186 -10.54 10.55 36.97
CA ALA B 186 -9.40 10.11 37.76
C ALA B 186 -8.18 9.94 36.88
N PHE B 187 -8.34 9.22 35.77
CA PHE B 187 -7.19 8.85 34.96
C PHE B 187 -6.54 10.04 34.30
N SER B 188 -7.33 11.04 33.93
CA SER B 188 -6.80 12.16 33.19
C SER B 188 -7.73 13.35 33.35
N SER B 189 -7.15 14.55 33.29
CA SER B 189 -7.91 15.80 33.33
C SER B 189 -8.12 16.42 31.95
N GLU B 190 -7.63 15.78 30.90
N GLU B 190 -7.64 15.77 30.90
CA GLU B 190 -7.81 16.27 29.54
CA GLU B 190 -7.79 16.23 29.53
C GLU B 190 -8.98 15.54 28.87
C GLU B 190 -8.99 15.54 28.87
N ASP B 191 -9.64 16.25 27.95
CA ASP B 191 -10.83 15.71 27.29
C ASP B 191 -10.53 14.48 26.43
N ASN B 192 -9.38 14.45 25.76
CA ASN B 192 -9.03 13.31 24.94
C ASN B 192 -8.15 12.33 25.71
N ILE B 193 -8.52 11.06 25.64
CA ILE B 193 -7.97 10.05 26.52
C ILE B 193 -7.34 8.99 25.64
N ASP B 194 -6.07 8.74 25.86
CA ASP B 194 -5.37 7.58 25.29
C ASP B 194 -6.02 6.35 25.90
N TYR B 195 -6.90 5.69 25.15
CA TYR B 195 -7.63 4.58 25.75
C TYR B 195 -6.77 3.35 25.96
N LYS B 196 -5.67 3.20 25.22
CA LYS B 196 -4.75 2.09 25.53
C LYS B 196 -4.19 2.26 26.94
N LEU B 197 -3.92 3.50 27.32
CA LEU B 197 -3.32 3.75 28.63
C LEU B 197 -4.36 3.69 29.74
N PHE B 198 -5.57 4.20 29.45
CA PHE B 198 -6.68 4.03 30.39
C PHE B 198 -6.86 2.56 30.78
N CYS B 199 -6.86 1.66 29.78
CA CYS B 199 -7.03 0.23 30.05
C CYS B 199 -5.82 -0.36 30.78
N GLU B 200 -4.62 0.08 30.43
CA GLU B 200 -3.44 -0.37 31.17
C GLU B 200 -3.52 0.09 32.61
N ASP B 201 -3.94 1.33 32.83
CA ASP B 201 -4.04 1.85 34.20
C ASP B 201 -5.03 1.05 35.06
N ILE B 202 -6.21 0.73 34.52
CA ILE B 202 -7.19 0.00 35.32
C ILE B 202 -6.87 -1.49 35.45
N LEU B 203 -6.00 -2.03 34.59
CA LEU B 203 -5.63 -3.44 34.66
C LEU B 203 -4.69 -3.73 35.84
N GLN B 204 -4.09 -2.69 36.42
CA GLN B 204 -3.20 -2.84 37.56
C GLN B 204 -3.96 -3.16 38.84
N ALA C 2 -48.68 3.32 26.87
CA ALA C 2 -47.55 4.20 27.30
C ALA C 2 -46.19 3.50 27.27
N SER C 3 -45.34 3.80 26.28
CA SER C 3 -44.11 3.02 26.07
C SER C 3 -42.89 3.88 25.80
N ASP C 4 -41.93 3.87 26.72
CA ASP C 4 -40.80 4.81 26.69
C ASP C 4 -39.72 4.33 25.72
N MET C 5 -39.36 5.19 24.75
CA MET C 5 -38.33 4.87 23.78
C MET C 5 -37.01 5.58 24.04
N GLU C 6 -36.91 6.35 25.11
CA GLU C 6 -35.74 7.21 25.30
C GLU C 6 -34.46 6.40 25.17
N GLU C 7 -34.42 5.25 25.86
CA GLU C 7 -33.22 4.41 25.84
C GLU C 7 -32.88 3.97 24.41
N LYS C 8 -33.89 3.63 23.63
CA LYS C 8 -33.62 3.20 22.26
C LYS C 8 -33.11 4.37 21.42
N PHE C 9 -33.72 5.56 21.60
CA PHE C 9 -33.34 6.76 20.88
C PHE C 9 -31.90 7.13 21.20
N ARG C 10 -31.54 7.06 22.49
CA ARG C 10 -30.19 7.38 22.93
C ARG C 10 -29.17 6.41 22.32
N GLU C 11 -29.40 5.12 22.46
CA GLU C 11 -28.47 4.15 21.88
C GLU C 11 -28.27 4.44 20.39
N ALA C 12 -29.38 4.62 19.65
CA ALA C 12 -29.29 4.79 18.20
C ALA C 12 -28.45 6.01 17.85
N PHE C 13 -28.65 7.11 18.56
CA PHE C 13 -27.86 8.31 18.31
C PHE C 13 -26.37 7.99 18.34
N ILE C 14 -25.91 7.32 19.41
CA ILE C 14 -24.49 7.14 19.54
C ILE C 14 -24.01 6.06 18.60
N LEU C 15 -24.91 5.24 18.09
CA LEU C 15 -24.50 4.29 17.06
C LEU C 15 -24.19 5.03 15.79
N PHE C 16 -24.93 6.11 15.49
CA PHE C 16 -24.73 6.85 14.25
C PHE C 16 -23.75 7.99 14.41
N SER C 17 -23.44 8.39 15.64
CA SER C 17 -22.50 9.46 15.92
C SER C 17 -21.13 8.95 16.43
N SER C 18 -20.92 7.65 16.47
CA SER C 18 -19.69 7.09 17.04
C SER C 18 -19.46 7.56 18.48
N CYS C 19 -20.54 7.61 19.25
CA CYS C 19 -20.55 7.80 20.69
C CYS C 19 -20.29 9.23 21.09
N SER C 20 -20.28 10.17 20.15
CA SER C 20 -20.16 11.58 20.48
C SER C 20 -21.53 12.16 20.82
N ASP C 21 -21.56 13.19 21.68
CA ASP C 21 -22.81 13.87 22.04
C ASP C 21 -23.37 14.76 20.93
N HIS C 22 -22.66 14.92 19.82
CA HIS C 22 -23.13 15.66 18.66
C HIS C 22 -23.07 14.76 17.44
N ILE C 23 -23.81 15.13 16.41
CA ILE C 23 -23.98 14.29 15.24
C ILE C 23 -24.01 15.18 14.02
N GLU C 24 -23.41 14.68 12.94
CA GLU C 24 -23.39 15.43 11.71
C GLU C 24 -24.76 15.30 11.06
N MET C 25 -25.14 16.34 10.31
CA MET C 25 -26.44 16.43 9.69
C MET C 25 -26.77 15.20 8.86
N TYR C 26 -25.82 14.72 8.04
CA TYR C 26 -26.07 13.53 7.20
C TYR C 26 -26.35 12.31 8.05
N LYS C 27 -25.62 12.14 9.14
CA LYS C 27 -25.84 11.01 10.01
C LYS C 27 -27.14 11.16 10.78
N PHE C 28 -27.59 12.39 11.03
CA PHE C 28 -28.86 12.63 11.71
C PHE C 28 -30.03 12.19 10.85
N PHE C 29 -29.96 12.48 9.55
CA PHE C 29 -31.00 12.03 8.64
C PHE C 29 -31.13 10.52 8.67
N GLU C 30 -30.01 9.80 8.63
CA GLU C 30 -30.08 8.35 8.74
C GLU C 30 -30.68 7.91 10.07
N LEU C 31 -30.23 8.50 11.17
CA LEU C 31 -30.76 8.18 12.49
C LEU C 31 -32.28 8.32 12.52
N MET C 32 -32.78 9.50 12.13
CA MET C 32 -34.22 9.69 12.18
C MET C 32 -34.92 8.73 11.23
N ASN C 33 -34.31 8.46 10.08
CA ASN C 33 -34.89 7.54 9.12
C ASN C 33 -34.94 6.13 9.69
N SER C 34 -34.02 5.77 10.59
CA SER C 34 -33.98 4.42 11.18
C SER C 34 -35.13 4.19 12.13
N PHE C 35 -35.84 5.25 12.51
CA PHE C 35 -37.04 5.14 13.31
C PHE C 35 -38.27 5.57 12.52
N GLY C 36 -38.18 5.52 11.20
CA GLY C 36 -39.33 5.78 10.36
C GLY C 36 -39.66 7.25 10.19
N ILE C 37 -38.82 8.14 10.68
CA ILE C 37 -39.13 9.57 10.64
C ILE C 37 -38.65 10.18 9.33
N ILE C 38 -39.52 10.93 8.73
CA ILE C 38 -39.31 11.57 7.44
C ILE C 38 -39.58 13.04 7.60
N LEU C 39 -38.66 13.88 7.13
CA LEU C 39 -38.80 15.33 7.17
C LEU C 39 -38.91 15.92 5.77
N THR C 40 -39.72 16.97 5.65
CA THR C 40 -39.73 17.74 4.41
C THR C 40 -38.43 18.51 4.30
N ASN C 41 -38.13 18.96 3.07
CA ASN C 41 -36.94 19.78 2.87
C ASN C 41 -37.04 21.09 3.65
N ASP C 42 -38.26 21.55 3.91
CA ASP C 42 -38.47 22.71 4.75
C ASP C 42 -38.10 22.39 6.18
N GLU C 43 -38.72 21.35 6.75
CA GLU C 43 -38.42 20.97 8.13
C GLU C 43 -36.94 20.70 8.30
N LYS C 44 -36.31 20.15 7.27
CA LYS C 44 -34.86 19.93 7.28
C LYS C 44 -34.14 21.25 7.46
N ALA C 45 -34.47 22.24 6.65
CA ALA C 45 -33.76 23.51 6.71
C ALA C 45 -33.97 24.20 8.06
N ALA C 46 -35.10 23.93 8.70
CA ALA C 46 -35.33 24.50 10.02
C ALA C 46 -34.46 23.90 11.12
N LEU C 47 -33.73 22.82 10.85
CA LEU C 47 -33.04 22.13 11.92
C LEU C 47 -31.84 22.93 12.37
N PRO C 48 -31.34 22.69 13.58
CA PRO C 48 -30.06 23.29 13.97
C PRO C 48 -28.92 22.73 13.16
N ASN C 49 -27.87 23.55 13.00
CA ASN C 49 -26.71 23.11 12.25
C ASN C 49 -25.85 22.15 13.05
N ASP C 50 -25.92 22.21 14.37
CA ASP C 50 -25.14 21.33 15.26
C ASP C 50 -26.13 20.62 16.20
N ILE C 51 -26.54 19.40 15.81
CA ILE C 51 -27.56 18.66 16.56
C ILE C 51 -26.88 17.87 17.66
N ASN C 52 -27.31 18.06 18.90
CA ASN C 52 -26.78 17.24 19.99
C ASN C 52 -27.83 16.24 20.49
N MET C 53 -27.39 15.39 21.43
CA MET C 53 -28.24 14.32 21.94
C MET C 53 -29.57 14.87 22.42
N ASP C 54 -29.54 15.82 23.36
CA ASP C 54 -30.80 16.33 23.91
C ASP C 54 -31.73 16.82 22.81
N TYR C 55 -31.17 17.46 21.77
CA TYR C 55 -32.03 17.93 20.67
C TYR C 55 -32.74 16.74 20.03
N TRP C 56 -31.97 15.69 19.76
CA TRP C 56 -32.52 14.54 19.07
C TRP C 56 -33.58 13.84 19.92
N LEU C 57 -33.32 13.69 21.22
CA LEU C 57 -34.26 12.98 22.09
C LEU C 57 -35.60 13.69 22.09
N ASN C 58 -35.59 15.02 22.01
CA ASN C 58 -36.84 15.77 22.01
C ASN C 58 -37.51 15.72 20.65
N PHE C 59 -36.72 15.80 19.58
CA PHE C 59 -37.29 15.70 18.25
C PHE C 59 -37.94 14.35 18.05
N ALA C 60 -37.30 13.29 18.57
CA ALA C 60 -37.77 11.93 18.35
C ALA C 60 -39.09 11.68 19.03
N LYS C 61 -39.20 12.08 20.30
CA LYS C 61 -40.48 12.03 21.00
C LYS C 61 -41.59 12.69 20.19
N LYS C 62 -41.27 13.81 19.55
CA LYS C 62 -42.28 14.58 18.83
C LYS C 62 -42.61 13.96 17.48
N HIS C 63 -41.65 13.27 16.85
CA HIS C 63 -41.85 12.84 15.47
C HIS C 63 -42.07 11.32 15.31
N TYR C 64 -41.57 10.51 16.23
CA TYR C 64 -41.73 9.06 16.14
C TYR C 64 -43.20 8.71 16.11
N ASN C 65 -43.57 7.77 15.25
CA ASN C 65 -44.94 7.28 15.18
C ASN C 65 -45.06 6.06 16.09
N TYR C 66 -45.46 6.28 17.34
CA TYR C 66 -45.45 5.17 18.29
C TYR C 66 -46.43 4.08 17.87
N GLU C 67 -47.52 4.47 17.21
CA GLU C 67 -48.56 3.53 16.79
C GLU C 67 -48.20 2.77 15.53
N GLN C 68 -47.37 3.38 14.66
CA GLN C 68 -47.09 2.81 13.34
C GLN C 68 -45.68 3.24 12.93
N PRO C 69 -44.65 2.72 13.60
CA PRO C 69 -43.31 3.26 13.41
C PRO C 69 -42.85 3.27 11.95
N PHE C 70 -43.23 2.26 11.19
CA PHE C 70 -42.84 2.22 9.79
C PHE C 70 -44.02 2.47 8.85
N LYS C 71 -44.80 3.50 9.17
CA LYS C 71 -45.89 3.92 8.30
C LYS C 71 -45.40 4.14 6.88
N HIS C 72 -44.22 4.70 6.70
CA HIS C 72 -43.75 5.05 5.34
C HIS C 72 -43.29 3.84 4.55
N ILE C 73 -43.33 2.64 5.11
CA ILE C 73 -43.16 1.42 4.32
C ILE C 73 -44.52 0.83 3.95
N ASN C 74 -45.44 0.85 4.90
CA ASN C 74 -46.79 0.34 4.70
C ASN C 74 -47.68 0.99 5.75
N ASN C 75 -48.78 1.62 5.30
CA ASN C 75 -49.76 2.27 6.16
C ASN C 75 -51.01 1.37 6.25
N VAL C 76 -51.41 1.04 7.48
CA VAL C 76 -52.62 0.23 7.70
C VAL C 76 -53.90 1.06 7.53
N ASN C 77 -53.83 2.37 7.79
CA ASN C 77 -54.99 3.22 7.53
C ASN C 77 -55.43 3.16 6.06
N GLU C 78 -54.46 3.17 5.13
CA GLU C 78 -54.78 3.00 3.71
C GLU C 78 -55.03 1.53 3.37
N GLN C 79 -56.02 1.27 2.51
CA GLN C 79 -56.32 -0.10 2.07
C GLN C 79 -55.44 -0.42 0.86
N ASN C 80 -54.18 -0.81 1.17
CA ASN C 80 -53.20 -1.22 0.16
C ASN C 80 -53.36 -2.68 -0.24
N THR C 81 -54.43 -3.35 0.24
CA THR C 81 -54.74 -4.75 -0.08
C THR C 81 -53.50 -5.64 0.06
N VAL C 83 -48.88 -3.18 -2.33
CA VAL C 83 -48.30 -3.78 -1.14
C VAL C 83 -47.42 -5.01 -1.44
N GLN C 84 -47.67 -5.70 -2.57
CA GLN C 84 -46.90 -6.89 -2.93
C GLN C 84 -46.26 -6.70 -4.30
N ILE C 85 -44.91 -6.66 -4.33
CA ILE C 85 -44.13 -6.44 -5.54
C ILE C 85 -43.07 -7.53 -5.65
N LYS C 86 -42.50 -7.64 -6.86
CA LYS C 86 -41.56 -8.72 -7.14
C LYS C 86 -40.25 -8.51 -6.38
N ILE C 87 -39.64 -9.63 -5.97
CA ILE C 87 -38.43 -9.56 -5.16
C ILE C 87 -37.25 -8.99 -5.95
N ASP C 88 -37.12 -9.35 -7.22
CA ASP C 88 -35.98 -8.82 -7.95
C ASP C 88 -36.21 -7.37 -8.34
N ASN C 89 -37.46 -6.97 -8.58
CA ASN C 89 -37.76 -5.55 -8.77
C ASN C 89 -37.46 -4.74 -7.50
N PHE C 90 -37.96 -5.22 -6.35
CA PHE C 90 -37.59 -4.63 -5.06
C PHE C 90 -36.09 -4.37 -5.01
N LEU C 91 -35.30 -5.43 -5.19
CA LEU C 91 -33.87 -5.25 -5.21
C LEU C 91 -33.45 -4.27 -6.27
N GLY C 92 -34.10 -4.23 -7.43
CA GLY C 92 -33.74 -3.22 -8.43
C GLY C 92 -33.97 -1.81 -7.94
N ILE C 93 -35.14 -1.56 -7.36
CA ILE C 93 -35.45 -0.23 -6.84
C ILE C 93 -34.44 0.17 -5.76
N MET C 94 -34.09 -0.77 -4.87
CA MET C 94 -33.13 -0.43 -3.84
C MET C 94 -31.81 0.02 -4.47
N LYS C 95 -31.39 -0.68 -5.53
CA LYS C 95 -30.12 -0.39 -6.18
C LYS C 95 -30.19 0.87 -7.03
N ALA C 96 -31.35 1.12 -7.66
CA ALA C 96 -31.59 2.35 -8.39
C ALA C 96 -31.36 3.58 -7.51
N LEU C 97 -31.84 3.52 -6.27
CA LEU C 97 -31.78 4.63 -5.34
C LEU C 97 -30.49 4.66 -4.55
N ASP C 98 -29.46 3.96 -5.04
CA ASP C 98 -28.10 4.05 -4.45
C ASP C 98 -28.06 3.61 -2.99
N THR C 99 -28.63 2.46 -2.71
CA THR C 99 -28.66 2.00 -1.34
C THR C 99 -27.25 1.61 -0.91
N ARG C 100 -26.86 2.05 0.29
CA ARG C 100 -25.62 1.64 0.93
C ARG C 100 -25.69 0.22 1.46
N LEU C 101 -26.81 -0.46 1.32
CA LEU C 101 -26.86 -1.86 1.71
C LEU C 101 -25.98 -2.66 0.77
N THR C 102 -25.03 -3.39 1.33
CA THR C 102 -24.26 -4.37 0.59
C THR C 102 -25.14 -5.58 0.30
N GLU C 103 -24.67 -6.44 -0.61
CA GLU C 103 -25.45 -7.65 -0.90
C GLU C 103 -25.63 -8.49 0.37
N SER C 104 -24.65 -8.47 1.27
CA SER C 104 -24.84 -9.14 2.55
C SER C 104 -25.98 -8.48 3.33
N ASP C 105 -25.99 -7.14 3.37
CA ASP C 105 -27.07 -6.41 4.03
C ASP C 105 -28.41 -6.73 3.37
N LEU C 106 -28.47 -6.64 2.04
CA LEU C 106 -29.72 -6.99 1.36
C LEU C 106 -30.11 -8.41 1.74
N ASN C 107 -29.14 -9.28 2.05
CA ASN C 107 -29.45 -10.60 2.57
C ASN C 107 -29.92 -10.51 4.01
N ILE C 108 -29.29 -9.61 4.80
CA ILE C 108 -29.80 -9.26 6.13
C ILE C 108 -31.26 -8.82 6.04
N LEU C 109 -31.53 -7.87 5.13
CA LEU C 109 -32.91 -7.42 4.91
C LEU C 109 -33.81 -8.58 4.56
N LEU C 110 -33.33 -9.49 3.72
CA LEU C 110 -34.17 -10.60 3.31
C LEU C 110 -34.25 -11.64 4.41
N GLN C 111 -33.20 -11.70 5.26
CA GLN C 111 -33.26 -12.57 6.43
C GLN C 111 -34.36 -12.08 7.38
N ILE C 112 -34.36 -10.79 7.70
CA ILE C 112 -35.37 -10.29 8.62
C ILE C 112 -36.77 -10.43 8.00
N THR C 113 -36.95 -9.99 6.74
CA THR C 113 -38.31 -9.84 6.20
C THR C 113 -38.77 -10.95 5.28
N ASN C 114 -37.88 -11.83 4.83
CA ASN C 114 -38.37 -12.91 3.96
C ASN C 114 -38.24 -14.30 4.63
N PRO C 115 -39.19 -15.21 4.59
CA PRO C 115 -39.13 -16.59 5.19
C PRO C 115 -38.62 -17.49 4.07
N GLU C 116 -39.36 -17.35 2.96
CA GLU C 116 -39.39 -18.20 1.79
C GLU C 116 -39.24 -17.30 0.56
N ASN C 117 -38.62 -17.86 -0.46
CA ASN C 117 -38.40 -17.16 -1.71
C ASN C 117 -39.70 -17.02 -2.51
N LYS C 118 -40.58 -16.13 -2.07
CA LYS C 118 -41.87 -15.93 -2.71
C LYS C 118 -41.77 -15.10 -3.97
N THR C 120 -42.27 -11.59 -5.25
CA THR C 120 -43.43 -11.37 -4.38
C THR C 120 -43.01 -11.23 -2.90
N LEU C 121 -42.85 -9.97 -2.47
CA LEU C 121 -42.59 -9.60 -1.09
C LEU C 121 -43.67 -8.63 -0.62
N ASN C 122 -44.18 -8.82 0.59
CA ASN C 122 -45.21 -7.96 1.11
C ASN C 122 -44.59 -6.87 1.98
N LEU C 123 -44.89 -5.62 1.66
CA LEU C 123 -44.34 -4.48 2.41
C LEU C 123 -44.86 -4.43 3.84
N LYS C 124 -46.12 -4.82 4.06
CA LYS C 124 -46.62 -4.96 5.43
C LYS C 124 -45.76 -5.94 6.22
N THR C 125 -45.27 -6.99 5.57
CA THR C 125 -44.37 -7.90 6.27
C THR C 125 -43.07 -7.19 6.62
N VAL C 126 -42.46 -6.52 5.61
CA VAL C 126 -41.29 -5.68 5.85
C VAL C 126 -41.54 -4.77 7.05
N SER C 127 -42.58 -3.93 6.97
CA SER C 127 -42.83 -3.02 8.07
C SER C 127 -43.01 -3.76 9.41
N GLN C 128 -43.72 -4.89 9.40
CA GLN C 128 -43.94 -5.60 10.67
C GLN C 128 -42.62 -6.11 11.23
N LYS C 129 -41.83 -6.75 10.37
CA LYS C 129 -40.59 -7.36 10.78
C LYS C 129 -39.61 -6.33 11.33
N LEU C 130 -39.45 -5.21 10.62
CA LEU C 130 -38.58 -4.16 11.15
C LEU C 130 -39.13 -3.62 12.47
N THR C 131 -40.47 -3.49 12.58
CA THR C 131 -41.04 -3.00 13.83
C THR C 131 -40.66 -3.92 15.00
N GLU C 132 -40.65 -5.23 14.76
CA GLU C 132 -40.26 -6.18 15.82
C GLU C 132 -38.81 -6.02 16.24
N SER C 133 -37.94 -5.54 15.34
CA SER C 133 -36.50 -5.48 15.58
C SER C 133 -36.04 -4.15 16.17
N ILE C 134 -36.95 -3.24 16.52
CA ILE C 134 -36.56 -1.89 16.91
C ILE C 134 -35.63 -1.86 18.13
PB ADP D . 11.28 -1.94 -1.60
O1B ADP D . 12.40 -0.94 -1.49
O2B ADP D . 11.66 -3.27 -2.13
O3B ADP D . 10.14 -1.34 -2.31
PA ADP D . 10.63 -3.58 0.60
O1A ADP D . 12.05 -4.04 0.84
O2A ADP D . 9.81 -4.58 -0.05
O3A ADP D . 10.63 -2.17 -0.18
O5' ADP D . 9.89 -3.14 1.99
C5' ADP D . 10.71 -2.55 2.92
C4' ADP D . 10.12 -2.94 4.29
O4' ADP D . 8.83 -2.57 4.43
C3' ADP D . 10.16 -4.49 4.46
O3' ADP D . 11.39 -4.95 4.88
C2' ADP D . 9.01 -4.66 5.44
O2' ADP D . 9.54 -4.28 6.79
C1' ADP D . 8.10 -3.76 5.19
N9 ADP D . 7.11 -4.21 4.24
C8 ADP D . 7.08 -4.05 2.90
N7 ADP D . 5.97 -4.64 2.40
C5 ADP D . 5.34 -5.18 3.46
C6 ADP D . 4.20 -5.88 3.52
N6 ADP D . 3.33 -6.23 2.45
N1 ADP D . 3.68 -6.35 4.64
C2 ADP D . 4.37 -6.10 5.79
N3 ADP D . 5.56 -5.43 5.79
C4 ADP D . 6.02 -4.93 4.59
S SO4 E . 17.62 4.85 -0.81
O1 SO4 E . 18.38 5.59 0.17
O2 SO4 E . 18.49 4.57 -1.95
O3 SO4 E . 17.09 3.67 -0.08
O4 SO4 E . 16.50 5.63 -1.32
C1 EDO F . -1.11 -24.61 6.66
O1 EDO F . -1.55 -23.35 7.17
C2 EDO F . 0.35 -24.46 6.33
O2 EDO F . 0.77 -23.38 7.16
MG MG G . 13.44 -3.98 -2.92
C1 EDO H . -10.13 -17.23 30.35
O1 EDO H . -10.27 -15.82 30.23
C2 EDO H . -8.83 -17.51 31.10
O2 EDO H . -8.72 -16.59 32.18
S SO4 I . -18.55 15.67 21.84
O1 SO4 I . -17.35 14.88 21.46
O2 SO4 I . -18.27 16.85 22.67
O3 SO4 I . -19.33 14.69 22.60
O4 SO4 I . -19.26 16.17 20.64
#